data_7VNO
#
_entry.id   7VNO
#
_cell.length_a   113.378
_cell.length_b   113.378
_cell.length_c   290.041
_cell.angle_alpha   90.000
_cell.angle_beta   90.000
_cell.angle_gamma   120.000
#
_symmetry.space_group_name_H-M   'P 65 2 2'
#
loop_
_entity.id
_entity.type
_entity.pdbx_description
1 polymer '454aa long hypothetical 4-aminobutyrate aminotransferase'
2 non-polymer "PYRIDOXAL-5'-PHOSPHATE"
3 non-polymer GLYCEROL
4 non-polymer 1,2-ETHANEDIOL
5 water water
#
_entity_poly.entity_id   1
_entity_poly.type   'polypeptide(L)'
_entity_poly.pdbx_seq_one_letter_code
;MELKPNVKEIPGPKARKVIEEHHKYMATTTNDPNEYFLVIERAEGVYWIDVDGNVLLDFSSGIGVMNVGLRNPKVIEAIK
KQLDLVLHAAGTDYYNPYQVELAKKLVEIAPGDIERKVFLSNSGTEANEAALKIAKWSTNRKMFIAFIGAFHGRTHGTMS
LTASKPVQRSRMFPTMPGVVHVPYPNPYRNPWGIDGYENPDELINRVIDYIEEYLFEHYVPAEEVAGIFFEPIQGEGGYV
VPPKNFFKELKKLADKHGILLIDDEVQMGMGRTGRMWAIEHFDIVPDIVTVAKALGGGIPIGATIFRADLDFGVSGVHSN
TFGGNTVAAAAALAVIEELQNGLIENAQKLEPLFRERLEEMKEKYEIIGDVRGLGLAWGVEFVKDRKTKEYATKERGEIV
VEALKRGLALLGCGKSAIRLIPPLIISEEEAKMGLDIFEEAIKVVSERHGYKIH
;
_entity_poly.pdbx_strand_id   A,B
#
# COMPACT_ATOMS: atom_id res chain seq x y z
N LEU A 3 -25.26 -23.10 -8.66
CA LEU A 3 -24.70 -22.15 -9.67
C LEU A 3 -23.97 -22.94 -10.77
N LYS A 4 -24.20 -22.54 -12.01
CA LYS A 4 -23.46 -22.99 -13.21
C LYS A 4 -23.21 -21.77 -14.07
N PRO A 5 -22.26 -21.82 -15.03
CA PRO A 5 -22.11 -20.73 -16.00
C PRO A 5 -23.46 -20.41 -16.66
N ASN A 6 -23.86 -19.15 -16.71
CA ASN A 6 -25.19 -18.69 -17.22
C ASN A 6 -25.13 -17.21 -17.55
N VAL A 7 -24.90 -16.91 -18.83
CA VAL A 7 -24.71 -15.53 -19.35
C VAL A 7 -25.71 -15.28 -20.48
N LYS A 8 -26.45 -14.17 -20.39
CA LYS A 8 -27.34 -13.66 -21.46
C LYS A 8 -26.63 -12.48 -22.09
N GLU A 9 -27.24 -11.29 -22.10
CA GLU A 9 -26.56 -10.06 -22.61
C GLU A 9 -25.47 -9.66 -21.61
N ILE A 10 -24.26 -9.45 -22.09
CA ILE A 10 -23.14 -8.93 -21.26
C ILE A 10 -22.29 -8.05 -22.15
N PRO A 11 -21.99 -6.79 -21.77
CA PRO A 11 -22.51 -6.20 -20.54
C PRO A 11 -24.00 -5.86 -20.64
N GLY A 12 -24.76 -6.17 -19.58
CA GLY A 12 -26.18 -5.84 -19.46
C GLY A 12 -26.39 -4.35 -19.21
N PRO A 13 -27.64 -3.90 -19.00
CA PRO A 13 -27.92 -2.47 -18.78
C PRO A 13 -27.27 -1.93 -17.49
N LYS A 14 -27.34 -2.68 -16.40
CA LYS A 14 -26.80 -2.22 -15.08
C LYS A 14 -25.27 -2.19 -15.19
N ALA A 15 -24.69 -3.19 -15.86
CA ALA A 15 -23.23 -3.23 -16.14
C ALA A 15 -22.82 -2.01 -16.96
N ARG A 16 -23.51 -1.69 -18.06
CA ARG A 16 -23.18 -0.53 -18.91
C ARG A 16 -23.19 0.77 -18.08
N LYS A 17 -24.10 0.88 -17.11
CA LYS A 17 -24.25 2.13 -16.34
C LYS A 17 -23.05 2.28 -15.38
N VAL A 18 -22.60 1.18 -14.76
CA VAL A 18 -21.42 1.21 -13.85
C VAL A 18 -20.16 1.51 -14.66
N ILE A 19 -20.00 0.91 -15.84
CA ILE A 19 -18.83 1.23 -16.71
C ILE A 19 -18.82 2.73 -17.03
N GLU A 20 -19.98 3.31 -17.39
CA GLU A 20 -20.08 4.74 -17.71
C GLU A 20 -19.66 5.60 -16.50
N GLU A 21 -20.16 5.26 -15.30
CA GLU A 21 -19.88 6.01 -14.06
C GLU A 21 -18.40 5.87 -13.68
N HIS A 22 -17.85 4.67 -13.87
CA HIS A 22 -16.43 4.42 -13.53
C HIS A 22 -15.55 5.33 -14.38
N HIS A 23 -15.87 5.46 -15.67
CA HIS A 23 -15.09 6.33 -16.60
C HIS A 23 -15.19 7.79 -16.16
N LYS A 24 -16.36 8.20 -15.68
CA LYS A 24 -16.60 9.60 -15.22
C LYS A 24 -15.82 9.99 -13.96
N TYR A 25 -15.75 9.11 -12.96
CA TYR A 25 -15.20 9.49 -11.62
C TYR A 25 -13.79 8.92 -11.42
N MET A 26 -13.39 7.89 -12.15
CA MET A 26 -12.11 7.21 -11.78
C MET A 26 -10.97 7.44 -12.77
N ALA A 27 -9.74 7.37 -12.27
CA ALA A 27 -8.50 7.55 -13.04
C ALA A 27 -8.48 6.49 -14.16
N THR A 28 -7.89 6.84 -15.30
CA THR A 28 -7.51 5.88 -16.38
C THR A 28 -6.34 5.01 -15.87
N THR A 29 -6.60 3.71 -15.67
CA THR A 29 -5.64 2.69 -15.17
C THR A 29 -5.51 1.60 -16.26
N THR A 30 -5.91 0.35 -15.93
CA THR A 30 -5.83 -0.85 -16.82
C THR A 30 -7.23 -1.41 -17.12
N ASN A 31 -8.31 -0.69 -16.74
CA ASN A 31 -9.71 -1.11 -17.02
C ASN A 31 -9.93 -1.08 -18.54
N ASP A 32 -10.62 -2.08 -19.08
CA ASP A 32 -10.90 -2.19 -20.55
C ASP A 32 -12.40 -2.36 -20.73
N PRO A 33 -13.15 -1.31 -21.17
CA PRO A 33 -14.59 -1.44 -21.41
C PRO A 33 -14.93 -2.41 -22.57
N ASN A 34 -14.00 -2.61 -23.52
CA ASN A 34 -14.22 -3.44 -24.74
C ASN A 34 -13.80 -4.91 -24.50
N GLU A 35 -12.79 -5.17 -23.66
CA GLU A 35 -12.28 -6.56 -23.45
C GLU A 35 -12.61 -7.10 -22.05
N TYR A 36 -12.80 -6.24 -21.05
CA TYR A 36 -13.04 -6.69 -19.66
C TYR A 36 -14.28 -6.01 -19.08
N PHE A 37 -15.43 -6.27 -19.70
CA PHE A 37 -16.71 -5.64 -19.30
C PHE A 37 -17.45 -6.48 -18.27
N LEU A 38 -16.70 -7.11 -17.37
CA LEU A 38 -17.25 -7.92 -16.25
C LEU A 38 -17.46 -6.98 -15.07
N VAL A 39 -18.71 -6.77 -14.63
CA VAL A 39 -19.04 -5.82 -13.52
C VAL A 39 -19.63 -6.63 -12.38
N ILE A 40 -18.80 -6.90 -11.38
CA ILE A 40 -19.07 -7.93 -10.34
C ILE A 40 -19.95 -7.29 -9.27
N GLU A 41 -21.01 -8.00 -8.87
CA GLU A 41 -21.90 -7.58 -7.77
C GLU A 41 -21.64 -8.47 -6.56
N ARG A 42 -21.49 -9.77 -6.77
CA ARG A 42 -21.16 -10.70 -5.66
C ARG A 42 -20.45 -11.94 -6.20
N ALA A 43 -20.14 -12.85 -5.29
CA ALA A 43 -19.29 -14.02 -5.55
C ALA A 43 -19.79 -15.13 -4.66
N GLU A 44 -19.69 -16.35 -5.17
CA GLU A 44 -20.09 -17.59 -4.45
C GLU A 44 -19.21 -18.74 -4.94
N GLY A 45 -18.46 -19.38 -4.03
CA GLY A 45 -17.65 -20.56 -4.39
C GLY A 45 -16.61 -20.18 -5.42
N VAL A 46 -16.68 -20.71 -6.64
CA VAL A 46 -15.77 -20.28 -7.75
C VAL A 46 -16.53 -19.45 -8.79
N TYR A 47 -17.68 -18.83 -8.46
CA TYR A 47 -18.52 -18.07 -9.42
C TYR A 47 -18.64 -16.58 -9.06
N TRP A 48 -18.62 -15.78 -10.14
CA TRP A 48 -18.84 -14.32 -10.08
C TRP A 48 -20.30 -14.11 -10.47
N ILE A 49 -21.03 -13.29 -9.72
CA ILE A 49 -22.42 -12.96 -10.14
C ILE A 49 -22.37 -11.48 -10.51
N ASP A 50 -22.65 -11.15 -11.77
CA ASP A 50 -22.60 -9.74 -12.23
C ASP A 50 -23.87 -8.99 -11.82
N VAL A 51 -23.85 -7.67 -11.97
CA VAL A 51 -24.97 -6.79 -11.54
C VAL A 51 -26.24 -7.10 -12.34
N ASP A 52 -26.12 -7.82 -13.45
CA ASP A 52 -27.29 -8.13 -14.30
C ASP A 52 -27.71 -9.59 -14.05
N GLY A 53 -27.06 -10.30 -13.13
CA GLY A 53 -27.42 -11.67 -12.72
C GLY A 53 -26.74 -12.77 -13.56
N ASN A 54 -25.89 -12.39 -14.52
CA ASN A 54 -24.96 -13.33 -15.20
C ASN A 54 -24.05 -14.03 -14.19
N VAL A 55 -23.88 -15.33 -14.36
CA VAL A 55 -23.06 -16.20 -13.50
C VAL A 55 -21.85 -16.71 -14.30
N LEU A 56 -20.64 -16.42 -13.83
CA LEU A 56 -19.41 -16.78 -14.58
C LEU A 56 -18.48 -17.60 -13.71
N LEU A 57 -17.99 -18.71 -14.26
CA LEU A 57 -16.98 -19.56 -13.58
C LEU A 57 -15.71 -18.71 -13.53
N ASP A 58 -14.98 -18.73 -12.40
CA ASP A 58 -13.80 -17.83 -12.32
C ASP A 58 -12.49 -18.58 -12.57
N PHE A 59 -11.73 -18.10 -13.55
CA PHE A 59 -10.37 -18.61 -13.87
C PHE A 59 -9.38 -17.45 -13.67
N SER A 60 -9.84 -16.37 -13.01
CA SER A 60 -9.03 -15.15 -12.80
C SER A 60 -8.47 -15.07 -11.37
N SER A 61 -9.20 -15.61 -10.39
CA SER A 61 -8.93 -15.46 -8.94
C SER A 61 -8.76 -13.97 -8.63
N GLY A 62 -9.32 -13.08 -9.47
CA GLY A 62 -9.12 -11.62 -9.35
C GLY A 62 -7.65 -11.21 -9.39
N ILE A 63 -6.93 -11.66 -10.41
CA ILE A 63 -5.46 -11.46 -10.63
C ILE A 63 -4.71 -12.18 -9.49
N GLY A 64 -5.10 -13.43 -9.20
CA GLY A 64 -4.33 -14.31 -8.30
C GLY A 64 -4.45 -13.92 -6.83
N VAL A 65 -5.50 -13.20 -6.42
CA VAL A 65 -5.76 -12.81 -4.99
C VAL A 65 -6.63 -13.87 -4.29
N MET A 66 -7.64 -14.39 -5.00
CA MET A 66 -8.67 -15.27 -4.39
C MET A 66 -8.30 -16.75 -4.45
N ASN A 67 -7.04 -17.10 -4.15
CA ASN A 67 -6.55 -18.50 -4.13
C ASN A 67 -7.47 -19.37 -3.26
N VAL A 68 -7.93 -18.90 -2.09
CA VAL A 68 -8.76 -19.76 -1.19
C VAL A 68 -10.25 -19.71 -1.53
N GLY A 69 -10.62 -19.12 -2.66
CA GLY A 69 -12.04 -18.98 -3.06
C GLY A 69 -12.48 -17.55 -3.07
N LEU A 70 -13.52 -17.22 -3.84
CA LEU A 70 -13.98 -15.81 -4.06
C LEU A 70 -14.63 -15.25 -2.76
N ARG A 71 -15.14 -16.12 -1.90
CA ARG A 71 -15.76 -15.67 -0.61
C ARG A 71 -15.60 -16.82 0.39
N ASN A 72 -14.40 -17.02 0.92
CA ASN A 72 -14.12 -18.26 1.69
C ASN A 72 -14.73 -18.11 3.09
N PRO A 73 -15.60 -19.06 3.54
CA PRO A 73 -16.35 -18.92 4.80
C PRO A 73 -15.43 -18.84 6.04
N LYS A 74 -14.34 -19.62 6.06
CA LYS A 74 -13.34 -19.65 7.17
C LYS A 74 -12.62 -18.29 7.26
N VAL A 75 -12.29 -17.68 6.11
CA VAL A 75 -11.65 -16.34 6.05
C VAL A 75 -12.65 -15.32 6.58
N ILE A 76 -13.91 -15.43 6.15
CA ILE A 76 -14.97 -14.44 6.50
C ILE A 76 -15.23 -14.54 8.02
N GLU A 77 -15.35 -15.75 8.56
CA GLU A 77 -15.54 -15.98 10.03
C GLU A 77 -14.37 -15.33 10.79
N ALA A 78 -13.12 -15.54 10.36
CA ALA A 78 -11.95 -14.95 11.02
C ALA A 78 -12.06 -13.43 10.99
N ILE A 79 -12.48 -12.86 9.87
CA ILE A 79 -12.66 -11.38 9.77
C ILE A 79 -13.74 -10.90 10.75
N LYS A 80 -14.94 -11.52 10.75
CA LYS A 80 -16.08 -11.02 11.60
C LYS A 80 -15.71 -11.09 13.08
N LYS A 81 -15.03 -12.16 13.51
CA LYS A 81 -14.48 -12.41 14.88
C LYS A 81 -13.47 -11.30 15.25
N GLN A 82 -12.60 -10.92 14.32
CA GLN A 82 -11.62 -9.83 14.55
C GLN A 82 -12.34 -8.48 14.63
N LEU A 83 -13.40 -8.25 13.86
CA LEU A 83 -14.17 -6.98 13.90
C LEU A 83 -14.82 -6.79 15.29
N ASP A 84 -15.14 -7.86 16.00
CA ASP A 84 -15.72 -7.77 17.38
C ASP A 84 -14.64 -7.39 18.41
N LEU A 85 -13.36 -7.40 18.04
CA LEU A 85 -12.24 -7.11 18.98
C LEU A 85 -11.63 -5.73 18.71
N VAL A 86 -10.96 -5.60 17.57
CA VAL A 86 -10.26 -4.33 17.21
C VAL A 86 -9.94 -4.39 15.71
N LEU A 87 -9.89 -3.26 15.00
CA LEU A 87 -9.59 -3.27 13.55
C LEU A 87 -8.14 -2.84 13.30
N HIS A 88 -7.79 -1.65 13.74
CA HIS A 88 -6.43 -1.09 13.56
C HIS A 88 -5.91 -0.75 14.95
N ALA A 89 -4.65 -1.09 15.22
CA ALA A 89 -4.05 -0.84 16.55
C ALA A 89 -2.72 -0.10 16.41
N ALA A 90 -2.49 0.59 15.28
CA ALA A 90 -1.22 1.31 15.01
C ALA A 90 -0.08 0.30 15.19
N GLY A 91 -0.03 -0.73 14.32
CA GLY A 91 0.92 -1.86 14.33
C GLY A 91 2.38 -1.46 14.60
N THR A 92 2.81 -0.30 14.11
CA THR A 92 4.24 0.15 14.17
C THR A 92 4.53 1.15 15.31
N ASP A 93 3.53 1.64 16.05
CA ASP A 93 3.78 2.53 17.23
C ASP A 93 3.45 1.75 18.51
N TYR A 94 2.27 1.11 18.53
CA TYR A 94 1.78 0.17 19.59
C TYR A 94 2.00 -1.28 19.14
N TYR A 95 1.84 -2.23 20.06
CA TYR A 95 1.95 -3.68 19.76
C TYR A 95 0.53 -4.30 19.76
N ASN A 96 0.38 -5.45 19.09
CA ASN A 96 -0.86 -6.28 19.15
C ASN A 96 -0.52 -7.72 18.80
N PRO A 97 -1.13 -8.71 19.48
CA PRO A 97 -0.78 -10.12 19.30
C PRO A 97 -1.18 -10.72 17.95
N TYR A 98 -2.12 -10.12 17.25
CA TYR A 98 -2.63 -10.63 15.94
C TYR A 98 -1.52 -10.59 14.87
N GLN A 99 -0.88 -9.43 14.69
CA GLN A 99 0.24 -9.21 13.73
C GLN A 99 1.40 -10.10 14.14
N VAL A 100 1.65 -10.29 15.43
CA VAL A 100 2.81 -11.14 15.84
C VAL A 100 2.54 -12.60 15.49
N GLU A 101 1.32 -13.08 15.71
CA GLU A 101 0.93 -14.47 15.38
C GLU A 101 1.08 -14.70 13.85
N LEU A 102 0.71 -13.72 13.01
CA LEU A 102 0.92 -13.83 11.53
C LEU A 102 2.42 -13.88 11.25
N ALA A 103 3.21 -12.98 11.86
CA ALA A 103 4.67 -12.95 11.63
C ALA A 103 5.28 -14.28 11.97
N LYS A 104 4.90 -14.88 13.11
CA LYS A 104 5.47 -16.17 13.54
C LYS A 104 5.15 -17.23 12.50
N LYS A 105 3.94 -17.24 11.97
CA LYS A 105 3.49 -18.25 10.97
C LYS A 105 4.26 -18.04 9.65
N LEU A 106 4.45 -16.81 9.23
CA LEU A 106 5.17 -16.51 7.96
C LEU A 106 6.63 -16.88 8.09
N VAL A 107 7.23 -16.65 9.26
CA VAL A 107 8.61 -17.09 9.52
C VAL A 107 8.70 -18.60 9.35
N GLU A 108 7.71 -19.34 9.85
CA GLU A 108 7.71 -20.83 9.88
C GLU A 108 7.58 -21.34 8.43
N ILE A 109 6.68 -20.77 7.64
CA ILE A 109 6.33 -21.32 6.30
C ILE A 109 7.27 -20.80 5.20
N ALA A 110 8.18 -19.88 5.54
CA ALA A 110 9.18 -19.30 4.61
C ALA A 110 9.93 -20.45 3.96
N PRO A 111 10.35 -20.30 2.69
CA PRO A 111 11.14 -21.34 2.07
C PRO A 111 12.41 -21.64 2.84
N GLY A 112 12.72 -22.92 2.87
CA GLY A 112 13.94 -23.39 3.54
C GLY A 112 13.79 -23.34 5.05
N ASP A 113 14.89 -23.47 5.75
CA ASP A 113 14.83 -23.45 7.23
C ASP A 113 15.98 -22.62 7.75
N ILE A 114 15.96 -21.32 7.49
CA ILE A 114 17.02 -20.39 7.95
C ILE A 114 16.37 -19.38 8.92
N GLU A 115 17.19 -18.53 9.50
CA GLU A 115 16.65 -17.53 10.45
C GLU A 115 15.88 -16.51 9.63
N ARG A 116 14.65 -16.17 10.02
CA ARG A 116 13.79 -15.20 9.29
C ARG A 116 13.22 -14.17 10.25
N LYS A 117 13.01 -12.96 9.76
CA LYS A 117 12.06 -11.98 10.32
C LYS A 117 11.10 -11.53 9.24
N VAL A 118 10.09 -10.80 9.62
CA VAL A 118 9.01 -10.33 8.70
C VAL A 118 8.73 -8.85 8.91
N PHE A 119 8.58 -8.12 7.79
CA PHE A 119 8.01 -6.75 7.80
C PHE A 119 6.65 -6.80 7.11
N LEU A 120 5.61 -6.32 7.80
CA LEU A 120 4.23 -6.32 7.25
C LEU A 120 3.90 -4.98 6.60
N SER A 121 3.23 -5.02 5.46
CA SER A 121 2.79 -3.80 4.73
C SER A 121 1.39 -4.01 4.17
N ASN A 122 0.98 -3.26 3.14
CA ASN A 122 -0.43 -3.26 2.67
C ASN A 122 -0.57 -3.74 1.24
N SER A 123 0.53 -4.08 0.57
CA SER A 123 0.42 -4.47 -0.86
C SER A 123 1.70 -5.10 -1.36
N GLY A 124 1.65 -5.69 -2.57
CA GLY A 124 2.85 -6.20 -3.26
C GLY A 124 3.87 -5.10 -3.47
N THR A 125 3.46 -3.96 -3.98
CA THR A 125 4.44 -2.90 -4.32
C THR A 125 5.09 -2.44 -3.01
N GLU A 126 4.33 -2.32 -1.93
CA GLU A 126 4.93 -1.95 -0.61
C GLU A 126 5.92 -3.02 -0.14
N ALA A 127 5.59 -4.28 -0.32
CA ALA A 127 6.44 -5.42 0.11
C ALA A 127 7.76 -5.37 -0.67
N ASN A 128 7.69 -5.13 -1.99
CA ASN A 128 8.91 -4.97 -2.85
C ASN A 128 9.67 -3.69 -2.51
N GLU A 129 9.01 -2.59 -2.22
CA GLU A 129 9.71 -1.38 -1.76
C GLU A 129 10.47 -1.70 -0.45
N ALA A 130 9.83 -2.45 0.45
CA ALA A 130 10.48 -2.83 1.72
C ALA A 130 11.68 -3.70 1.41
N ALA A 131 11.56 -4.66 0.48
CA ALA A 131 12.69 -5.51 0.05
C ALA A 131 13.88 -4.63 -0.41
N LEU A 132 13.61 -3.63 -1.28
CA LEU A 132 14.71 -2.75 -1.73
C LEU A 132 15.42 -2.10 -0.51
N LYS A 133 14.64 -1.61 0.44
CA LYS A 133 15.19 -0.87 1.61
C LYS A 133 16.02 -1.80 2.49
N ILE A 134 15.50 -3.02 2.72
CA ILE A 134 16.20 -4.05 3.53
C ILE A 134 17.50 -4.39 2.84
N ALA A 135 17.47 -4.60 1.54
CA ALA A 135 18.67 -4.97 0.80
C ALA A 135 19.70 -3.82 0.84
N LYS A 136 19.26 -2.57 0.62
CA LYS A 136 20.22 -1.42 0.62
C LYS A 136 20.84 -1.27 2.01
N TRP A 137 20.03 -1.36 3.04
CA TRP A 137 20.50 -1.10 4.42
C TRP A 137 21.48 -2.21 4.78
N SER A 138 21.06 -3.44 4.62
CA SER A 138 21.85 -4.62 5.08
C SER A 138 23.17 -4.79 4.32
N THR A 139 23.24 -4.53 3.00
CA THR A 139 24.48 -4.71 2.20
C THR A 139 25.29 -3.40 2.11
N ASN A 140 24.68 -2.26 2.39
CA ASN A 140 25.23 -0.91 2.08
C ASN A 140 25.63 -0.84 0.59
N ARG A 141 24.85 -1.50 -0.27
CA ARG A 141 25.02 -1.41 -1.73
C ARG A 141 23.71 -0.88 -2.30
N LYS A 142 23.77 -0.26 -3.48
CA LYS A 142 22.59 0.49 -3.96
C LYS A 142 22.05 -0.02 -5.29
N MET A 143 22.77 -0.85 -6.02
CA MET A 143 22.29 -1.29 -7.34
C MET A 143 21.56 -2.60 -7.27
N PHE A 144 20.72 -2.86 -8.27
CA PHE A 144 19.92 -4.10 -8.36
C PHE A 144 19.93 -4.56 -9.80
N ILE A 145 19.83 -5.87 -9.95
CA ILE A 145 19.58 -6.52 -11.26
C ILE A 145 18.15 -7.01 -11.23
N ALA A 146 17.41 -6.76 -12.30
CA ALA A 146 16.08 -7.31 -12.52
C ALA A 146 16.02 -7.87 -13.95
N PHE A 147 14.93 -8.56 -14.26
CA PHE A 147 14.74 -9.27 -15.55
C PHE A 147 13.78 -8.53 -16.46
N ILE A 148 14.13 -8.50 -17.74
CA ILE A 148 13.18 -8.03 -18.77
C ILE A 148 11.92 -8.90 -18.69
N GLY A 149 10.76 -8.25 -18.77
CA GLY A 149 9.46 -8.90 -18.64
C GLY A 149 8.97 -8.91 -17.20
N ALA A 150 9.77 -8.39 -16.25
CA ALA A 150 9.44 -8.47 -14.80
C ALA A 150 8.26 -7.58 -14.50
N PHE A 151 7.51 -7.93 -13.46
CA PHE A 151 6.53 -6.98 -12.87
C PHE A 151 6.61 -7.07 -11.35
N HIS A 152 6.94 -5.94 -10.73
CA HIS A 152 7.23 -5.81 -9.28
C HIS A 152 6.42 -4.67 -8.64
N GLY A 153 5.63 -3.92 -9.41
CA GLY A 153 4.80 -2.85 -8.87
C GLY A 153 5.06 -1.57 -9.58
N ARG A 154 4.38 -0.53 -9.13
N ARG A 154 4.35 -0.52 -9.16
CA ARG A 154 4.22 0.73 -9.88
CA ARG A 154 4.24 0.74 -9.93
C ARG A 154 4.52 1.97 -9.04
C ARG A 154 4.60 1.97 -9.09
N THR A 155 5.32 1.78 -7.98
CA THR A 155 5.76 2.91 -7.12
C THR A 155 7.14 3.36 -7.64
N HIS A 156 7.71 4.43 -7.10
CA HIS A 156 8.99 4.94 -7.66
C HIS A 156 10.14 3.91 -7.58
N GLY A 157 10.18 3.08 -6.54
CA GLY A 157 11.22 2.05 -6.43
C GLY A 157 10.92 0.90 -7.36
N THR A 158 9.70 0.40 -7.33
CA THR A 158 9.38 -0.84 -8.05
C THR A 158 9.21 -0.56 -9.55
N MET A 159 8.87 0.66 -9.96
CA MET A 159 8.79 0.98 -11.40
C MET A 159 10.17 0.77 -12.01
N SER A 160 11.27 1.05 -11.29
CA SER A 160 12.64 0.78 -11.82
C SER A 160 12.86 -0.74 -11.99
N LEU A 161 12.33 -1.56 -11.11
CA LEU A 161 12.47 -3.03 -11.23
C LEU A 161 11.61 -3.55 -12.38
N THR A 162 10.38 -3.10 -12.49
CA THR A 162 9.40 -3.57 -13.49
C THR A 162 9.95 -3.32 -14.91
N ALA A 163 9.74 -4.27 -15.83
CA ALA A 163 10.24 -4.16 -17.22
C ALA A 163 9.28 -4.91 -18.14
N SER A 164 7.99 -4.74 -17.94
CA SER A 164 7.00 -5.54 -18.70
C SER A 164 6.52 -4.73 -19.91
N LYS A 165 5.86 -3.59 -19.72
CA LYS A 165 5.35 -2.71 -20.81
C LYS A 165 5.93 -1.32 -20.65
N PRO A 166 6.44 -0.65 -21.69
CA PRO A 166 7.03 0.66 -21.46
C PRO A 166 5.98 1.69 -21.04
N VAL A 167 4.71 1.48 -21.36
CA VAL A 167 3.66 2.45 -20.96
C VAL A 167 3.60 2.56 -19.41
N GLN A 168 4.03 1.54 -18.66
CA GLN A 168 4.18 1.51 -17.16
C GLN A 168 5.10 2.64 -16.66
N ARG A 169 5.98 3.12 -17.53
CA ARG A 169 7.02 4.10 -17.19
C ARG A 169 6.80 5.41 -17.94
N SER A 170 5.72 5.57 -18.71
CA SER A 170 5.54 6.77 -19.56
C SER A 170 5.66 8.06 -18.74
N ARG A 171 6.63 8.94 -19.06
CA ARG A 171 6.88 10.27 -18.43
C ARG A 171 7.28 10.12 -16.94
N MET A 172 7.69 8.92 -16.49
CA MET A 172 7.97 8.71 -15.06
C MET A 172 9.44 8.91 -14.75
N PHE A 173 10.31 8.80 -15.75
CA PHE A 173 11.77 8.95 -15.56
C PHE A 173 12.00 10.33 -14.97
N PRO A 174 12.89 10.48 -13.94
CA PRO A 174 13.64 9.39 -13.32
C PRO A 174 12.90 8.73 -12.16
N THR A 175 12.95 7.40 -12.12
CA THR A 175 12.51 6.59 -10.98
C THR A 175 13.78 6.33 -10.16
N MET A 176 13.73 5.39 -9.27
CA MET A 176 14.91 5.08 -8.44
C MET A 176 16.02 4.65 -9.39
N PRO A 177 17.20 5.28 -9.30
CA PRO A 177 18.36 4.89 -10.10
C PRO A 177 18.98 3.59 -9.58
N GLY A 178 19.77 2.95 -10.44
CA GLY A 178 20.61 1.82 -10.03
C GLY A 178 20.05 0.45 -10.40
N VAL A 179 19.02 0.36 -11.23
CA VAL A 179 18.52 -0.99 -11.69
C VAL A 179 19.03 -1.25 -13.08
N VAL A 180 19.66 -2.39 -13.29
CA VAL A 180 20.05 -2.85 -14.63
C VAL A 180 19.23 -4.10 -14.96
N HIS A 181 18.81 -4.26 -16.21
CA HIS A 181 17.94 -5.38 -16.65
C HIS A 181 18.69 -6.31 -17.56
N VAL A 182 18.42 -7.61 -17.43
CA VAL A 182 18.99 -8.62 -18.36
C VAL A 182 17.83 -9.52 -18.80
N PRO A 183 17.96 -10.25 -19.92
CA PRO A 183 16.87 -11.11 -20.37
C PRO A 183 16.51 -12.17 -19.32
N TYR A 184 15.23 -12.41 -19.17
CA TYR A 184 14.75 -13.60 -18.42
C TYR A 184 15.03 -14.84 -19.26
N PRO A 185 15.25 -16.00 -18.63
CA PRO A 185 15.33 -17.28 -19.36
C PRO A 185 13.94 -17.79 -19.75
N ASN A 186 13.29 -17.01 -20.62
CA ASN A 186 11.99 -17.30 -21.24
C ASN A 186 12.26 -18.36 -22.33
N PRO A 187 11.80 -19.59 -22.11
CA PRO A 187 12.12 -20.70 -23.00
C PRO A 187 11.43 -20.61 -24.37
N TYR A 188 10.44 -19.75 -24.51
CA TYR A 188 9.70 -19.56 -25.78
C TYR A 188 10.22 -18.33 -26.53
N ARG A 189 10.68 -17.30 -25.83
CA ARG A 189 11.12 -16.04 -26.47
C ARG A 189 12.32 -15.51 -25.74
N ASN A 190 13.46 -15.56 -26.39
CA ASN A 190 14.68 -15.01 -25.77
C ASN A 190 15.57 -14.48 -26.89
N PRO A 191 16.56 -13.64 -26.56
CA PRO A 191 17.40 -13.02 -27.58
C PRO A 191 18.29 -13.98 -28.38
N TRP A 192 18.44 -15.22 -27.90
CA TRP A 192 19.32 -16.24 -28.53
C TRP A 192 18.48 -17.17 -29.42
N GLY A 193 17.15 -17.05 -29.44
CA GLY A 193 16.28 -17.99 -30.18
C GLY A 193 16.45 -19.43 -29.70
N ILE A 194 16.76 -19.65 -28.42
CA ILE A 194 16.93 -20.99 -27.83
C ILE A 194 15.57 -21.53 -27.46
N ASP A 195 15.30 -22.77 -27.85
CA ASP A 195 14.15 -23.52 -27.30
C ASP A 195 14.57 -23.97 -25.90
N GLY A 196 14.11 -23.27 -24.87
CA GLY A 196 14.56 -23.52 -23.48
C GLY A 196 13.80 -24.67 -22.84
N TYR A 197 12.80 -25.24 -23.53
CA TYR A 197 12.17 -26.51 -23.13
C TYR A 197 13.08 -27.68 -23.53
N GLU A 198 13.52 -27.70 -24.78
CA GLU A 198 14.45 -28.72 -25.29
C GLU A 198 15.87 -28.52 -24.75
N ASN A 199 16.31 -27.28 -24.65
CA ASN A 199 17.71 -26.96 -24.27
C ASN A 199 17.73 -25.98 -23.09
N PRO A 200 17.25 -26.40 -21.90
CA PRO A 200 17.21 -25.53 -20.74
C PRO A 200 18.61 -25.06 -20.35
N ASP A 201 19.59 -25.96 -20.39
CA ASP A 201 20.95 -25.59 -19.92
C ASP A 201 21.55 -24.52 -20.82
N GLU A 202 21.38 -24.62 -22.13
CA GLU A 202 21.92 -23.60 -23.04
C GLU A 202 21.34 -22.21 -22.66
N LEU A 203 20.03 -22.13 -22.42
CA LEU A 203 19.37 -20.84 -22.11
C LEU A 203 19.86 -20.30 -20.75
N ILE A 204 19.90 -21.14 -19.74
CA ILE A 204 20.43 -20.79 -18.41
C ILE A 204 21.82 -20.17 -18.60
N ASN A 205 22.70 -20.83 -19.33
CA ASN A 205 24.12 -20.43 -19.46
C ASN A 205 24.22 -19.07 -20.20
N ARG A 206 23.37 -18.83 -21.19
CA ARG A 206 23.35 -17.55 -21.91
C ARG A 206 22.94 -16.40 -20.96
N VAL A 207 21.93 -16.61 -20.11
CA VAL A 207 21.47 -15.56 -19.14
C VAL A 207 22.57 -15.30 -18.09
N ILE A 208 23.13 -16.35 -17.51
CA ILE A 208 24.20 -16.22 -16.51
C ILE A 208 25.40 -15.53 -17.15
N ASP A 209 25.76 -15.94 -18.37
CA ASP A 209 26.93 -15.36 -19.08
C ASP A 209 26.64 -13.90 -19.43
N TYR A 210 25.40 -13.52 -19.68
CA TYR A 210 25.05 -12.11 -20.00
C TYR A 210 25.36 -11.26 -18.75
N ILE A 211 24.95 -11.73 -17.57
CA ILE A 211 25.23 -11.01 -16.32
C ILE A 211 26.75 -10.98 -16.12
N GLU A 212 27.39 -12.15 -16.14
CA GLU A 212 28.81 -12.22 -15.71
C GLU A 212 29.67 -11.47 -16.73
N GLU A 213 29.64 -11.90 -18.00
CA GLU A 213 30.51 -11.27 -19.04
C GLU A 213 30.04 -9.87 -19.49
N TYR A 214 28.78 -9.74 -19.89
CA TYR A 214 28.23 -8.46 -20.41
C TYR A 214 28.07 -7.35 -19.35
N LEU A 215 27.64 -7.68 -18.12
CA LEU A 215 27.43 -6.60 -17.11
C LEU A 215 28.62 -6.49 -16.14
N PHE A 216 28.98 -7.57 -15.47
CA PHE A 216 30.07 -7.54 -14.44
C PHE A 216 31.44 -7.18 -15.04
N GLU A 217 31.74 -7.63 -16.25
CA GLU A 217 33.09 -7.44 -16.83
C GLU A 217 33.17 -6.11 -17.55
N HIS A 218 32.08 -5.34 -17.57
CA HIS A 218 32.09 -4.10 -18.40
C HIS A 218 31.61 -2.89 -17.63
N TYR A 219 30.41 -2.89 -17.04
CA TYR A 219 29.85 -1.59 -16.57
C TYR A 219 29.07 -1.70 -15.26
N VAL A 220 28.97 -2.89 -14.67
CA VAL A 220 28.21 -3.05 -13.42
C VAL A 220 29.14 -3.70 -12.41
N PRO A 221 29.70 -2.94 -11.44
CA PRO A 221 30.60 -3.55 -10.46
C PRO A 221 29.82 -4.54 -9.59
N ALA A 222 30.19 -5.82 -9.67
CA ALA A 222 29.42 -6.91 -9.01
C ALA A 222 29.30 -6.64 -7.51
N GLU A 223 30.35 -6.07 -6.92
CA GLU A 223 30.40 -5.76 -5.46
C GLU A 223 29.46 -4.61 -5.05
N GLU A 224 28.93 -3.84 -6.00
CA GLU A 224 27.99 -2.73 -5.70
C GLU A 224 26.53 -3.16 -5.93
N VAL A 225 26.27 -4.44 -6.23
CA VAL A 225 24.88 -4.91 -6.46
C VAL A 225 24.33 -5.47 -5.15
N ALA A 226 23.29 -4.87 -4.62
CA ALA A 226 22.63 -5.31 -3.37
C ALA A 226 21.87 -6.63 -3.60
N GLY A 227 21.16 -6.75 -4.71
CA GLY A 227 20.16 -7.80 -4.88
C GLY A 227 19.82 -8.06 -6.35
N ILE A 228 19.46 -9.29 -6.65
CA ILE A 228 18.79 -9.67 -7.92
C ILE A 228 17.33 -9.96 -7.59
N PHE A 229 16.42 -9.19 -8.17
CA PHE A 229 14.97 -9.38 -8.02
C PHE A 229 14.49 -10.30 -9.15
N PHE A 230 13.68 -11.28 -8.79
CA PHE A 230 13.04 -12.15 -9.80
C PHE A 230 11.67 -12.63 -9.35
N GLU A 231 10.84 -12.92 -10.35
CA GLU A 231 9.64 -13.74 -10.18
C GLU A 231 10.01 -15.16 -10.56
N PRO A 232 9.58 -16.16 -9.78
CA PRO A 232 9.93 -17.55 -10.09
C PRO A 232 9.21 -18.06 -11.34
N ILE A 233 8.11 -17.43 -11.67
CA ILE A 233 7.34 -17.48 -12.94
C ILE A 233 6.93 -16.05 -13.19
N GLN A 234 7.21 -15.49 -14.35
CA GLN A 234 6.79 -14.11 -14.64
C GLN A 234 5.31 -14.10 -14.88
N GLY A 235 4.65 -13.23 -14.15
CA GLY A 235 3.20 -13.18 -14.11
C GLY A 235 2.70 -12.27 -15.18
N GLU A 236 2.68 -10.98 -14.90
CA GLU A 236 2.12 -9.98 -15.86
C GLU A 236 2.83 -10.10 -17.20
N GLY A 237 4.08 -10.52 -17.20
CA GLY A 237 4.89 -10.68 -18.42
C GLY A 237 4.49 -11.90 -19.26
N GLY A 238 3.55 -12.74 -18.83
CA GLY A 238 3.02 -13.85 -19.68
C GLY A 238 2.91 -15.23 -19.04
N TYR A 239 3.01 -15.40 -17.70
CA TYR A 239 3.04 -16.72 -17.05
C TYR A 239 4.17 -17.54 -17.66
N VAL A 240 5.36 -16.99 -17.58
CA VAL A 240 6.59 -17.54 -18.20
C VAL A 240 7.33 -18.38 -17.17
N VAL A 241 7.46 -19.68 -17.41
CA VAL A 241 8.12 -20.62 -16.46
C VAL A 241 9.55 -20.82 -16.93
N PRO A 242 10.56 -20.43 -16.11
CA PRO A 242 11.95 -20.59 -16.48
C PRO A 242 12.42 -22.02 -16.30
N PRO A 243 13.61 -22.35 -16.82
CA PRO A 243 14.18 -23.69 -16.67
C PRO A 243 14.36 -24.07 -15.19
N LYS A 244 14.10 -25.34 -14.91
CA LYS A 244 14.10 -25.89 -13.54
C LYS A 244 15.40 -25.54 -12.80
N ASN A 245 16.54 -25.60 -13.47
CA ASN A 245 17.85 -25.36 -12.82
C ASN A 245 18.30 -23.88 -12.83
N PHE A 246 17.47 -22.94 -13.29
CA PHE A 246 17.95 -21.55 -13.52
C PHE A 246 18.36 -20.91 -12.19
N PHE A 247 17.54 -21.01 -11.15
CA PHE A 247 17.76 -20.28 -9.87
C PHE A 247 18.93 -20.88 -9.11
N LYS A 248 19.22 -22.16 -9.30
CA LYS A 248 20.43 -22.76 -8.70
C LYS A 248 21.64 -22.07 -9.31
N GLU A 249 21.66 -21.88 -10.63
CA GLU A 249 22.80 -21.21 -11.32
C GLU A 249 22.88 -19.73 -10.90
N LEU A 250 21.74 -19.04 -10.87
CA LEU A 250 21.67 -17.63 -10.42
C LEU A 250 22.20 -17.51 -8.98
N LYS A 251 21.87 -18.45 -8.09
CA LYS A 251 22.33 -18.42 -6.68
C LYS A 251 23.84 -18.62 -6.61
N LYS A 252 24.40 -19.49 -7.43
CA LYS A 252 25.88 -19.65 -7.51
C LYS A 252 26.56 -18.32 -7.90
N LEU A 253 26.02 -17.63 -8.91
CA LEU A 253 26.56 -16.33 -9.33
C LEU A 253 26.42 -15.30 -8.20
N ALA A 254 25.25 -15.19 -7.60
CA ALA A 254 24.98 -14.17 -6.55
C ALA A 254 25.92 -14.42 -5.37
N ASP A 255 26.05 -15.67 -4.94
CA ASP A 255 26.86 -16.02 -3.77
C ASP A 255 28.32 -15.66 -4.00
N LYS A 256 28.86 -15.81 -5.20
CA LYS A 256 30.25 -15.45 -5.54
C LYS A 256 30.52 -13.95 -5.25
N HIS A 257 29.51 -13.09 -5.29
CA HIS A 257 29.68 -11.62 -5.20
C HIS A 257 28.94 -11.00 -4.01
N GLY A 258 28.39 -11.82 -3.10
CA GLY A 258 27.68 -11.36 -1.89
C GLY A 258 26.38 -10.65 -2.22
N ILE A 259 25.74 -11.01 -3.35
CA ILE A 259 24.47 -10.39 -3.79
C ILE A 259 23.30 -11.20 -3.24
N LEU A 260 22.27 -10.49 -2.73
CA LEU A 260 21.03 -11.10 -2.23
C LEU A 260 20.17 -11.60 -3.40
N LEU A 261 19.47 -12.70 -3.15
CA LEU A 261 18.37 -13.13 -4.04
C LEU A 261 17.04 -12.75 -3.42
N ILE A 262 16.25 -12.05 -4.20
CA ILE A 262 14.96 -11.49 -3.77
C ILE A 262 13.91 -12.14 -4.68
N ASP A 263 13.08 -12.98 -4.09
CA ASP A 263 12.03 -13.80 -4.75
C ASP A 263 10.69 -13.12 -4.54
N ASP A 264 10.13 -12.59 -5.61
CA ASP A 264 8.82 -11.92 -5.64
C ASP A 264 7.75 -13.00 -5.85
N GLU A 265 7.06 -13.40 -4.79
CA GLU A 265 5.98 -14.41 -4.78
C GLU A 265 4.62 -13.72 -4.70
N VAL A 266 4.55 -12.44 -5.06
CA VAL A 266 3.29 -11.72 -4.88
C VAL A 266 2.19 -12.46 -5.67
N GLN A 267 2.49 -12.93 -6.87
CA GLN A 267 1.48 -13.58 -7.73
C GLN A 267 1.59 -15.12 -7.66
N MET A 268 2.77 -15.69 -7.49
CA MET A 268 2.96 -17.14 -7.67
C MET A 268 3.02 -17.87 -6.32
N GLY A 269 2.90 -17.15 -5.21
CA GLY A 269 3.02 -17.79 -3.89
C GLY A 269 1.66 -18.26 -3.36
N MET A 270 1.57 -18.48 -2.05
CA MET A 270 0.32 -18.91 -1.35
C MET A 270 -0.36 -20.06 -2.11
N GLY A 271 0.42 -21.05 -2.51
CA GLY A 271 -0.03 -22.37 -2.98
C GLY A 271 -0.38 -22.43 -4.46
N ARG A 272 -0.29 -21.31 -5.19
CA ARG A 272 -0.75 -21.20 -6.59
C ARG A 272 -0.17 -22.29 -7.50
N THR A 273 1.10 -22.68 -7.31
CA THR A 273 1.85 -23.66 -8.14
C THR A 273 1.84 -25.04 -7.51
N GLY A 274 0.98 -25.31 -6.54
CA GLY A 274 1.01 -26.65 -5.91
C GLY A 274 2.13 -26.82 -4.91
N ARG A 275 2.81 -25.72 -4.56
CA ARG A 275 3.73 -25.62 -3.40
C ARG A 275 3.40 -24.30 -2.70
N MET A 276 3.71 -24.18 -1.42
CA MET A 276 3.42 -22.91 -0.74
C MET A 276 4.07 -21.79 -1.54
N TRP A 277 5.34 -21.96 -1.90
CA TRP A 277 6.06 -20.94 -2.70
C TRP A 277 6.45 -21.53 -4.04
N ALA A 278 6.36 -20.74 -5.11
CA ALA A 278 6.76 -21.22 -6.45
C ALA A 278 8.25 -21.52 -6.51
N ILE A 279 9.04 -20.80 -5.71
CA ILE A 279 10.52 -20.99 -5.71
C ILE A 279 10.86 -22.41 -5.27
N GLU A 280 9.92 -23.07 -4.58
CA GLU A 280 10.12 -24.45 -4.06
C GLU A 280 10.40 -25.43 -5.23
N HIS A 281 9.76 -25.22 -6.39
CA HIS A 281 10.00 -26.05 -7.61
C HIS A 281 11.45 -25.91 -8.09
N PHE A 282 12.13 -24.80 -7.76
CA PHE A 282 13.52 -24.52 -8.22
C PHE A 282 14.63 -24.88 -7.21
N ASP A 283 14.26 -25.33 -6.00
CA ASP A 283 15.25 -25.86 -5.03
C ASP A 283 16.30 -24.79 -4.65
N ILE A 284 15.89 -23.56 -4.39
CA ILE A 284 16.77 -22.56 -3.72
C ILE A 284 16.00 -21.91 -2.57
N VAL A 285 16.77 -21.31 -1.69
CA VAL A 285 16.26 -20.59 -0.52
C VAL A 285 16.57 -19.11 -0.69
N PRO A 286 15.59 -18.30 -1.12
CA PRO A 286 15.91 -16.88 -1.33
C PRO A 286 16.19 -16.15 -0.01
N ASP A 287 17.01 -15.09 -0.07
CA ASP A 287 17.32 -14.22 1.08
C ASP A 287 16.11 -13.40 1.51
N ILE A 288 15.31 -12.95 0.55
CA ILE A 288 14.10 -12.14 0.78
C ILE A 288 12.99 -12.72 -0.09
N VAL A 289 11.82 -12.88 0.51
CA VAL A 289 10.60 -13.29 -0.21
C VAL A 289 9.51 -12.24 0.01
N THR A 290 8.91 -11.79 -1.08
CA THR A 290 7.83 -10.78 -0.98
C THR A 290 6.49 -11.47 -1.30
N VAL A 291 5.46 -11.14 -0.54
CA VAL A 291 4.11 -11.77 -0.72
C VAL A 291 3.04 -10.71 -0.48
N ALA A 292 1.89 -10.90 -1.11
CA ALA A 292 0.71 -10.02 -1.03
C ALA A 292 -0.44 -10.74 -1.74
N LYS A 293 -1.47 -9.98 -2.12
CA LYS A 293 -2.55 -10.64 -2.88
C LYS A 293 -3.18 -11.78 -2.09
N ALA A 294 -2.85 -13.01 -2.45
CA ALA A 294 -3.63 -14.15 -1.92
C ALA A 294 -3.42 -14.23 -0.40
N LEU A 295 -2.34 -13.66 0.14
CA LEU A 295 -2.07 -13.80 1.57
C LEU A 295 -3.26 -13.30 2.39
N GLY A 296 -3.91 -12.21 1.99
CA GLY A 296 -5.00 -11.55 2.75
C GLY A 296 -6.38 -12.10 2.41
N GLY A 297 -6.49 -13.08 1.51
CA GLY A 297 -7.75 -13.72 1.11
C GLY A 297 -8.82 -12.73 0.68
N GLY A 298 -8.44 -11.58 0.11
CA GLY A 298 -9.38 -10.52 -0.25
C GLY A 298 -9.16 -9.22 0.52
N ILE A 299 -8.43 -9.26 1.65
CA ILE A 299 -8.09 -8.06 2.47
C ILE A 299 -6.68 -7.59 2.12
N PRO A 300 -6.44 -6.28 1.89
CA PRO A 300 -5.10 -5.78 1.55
C PRO A 300 -4.04 -6.11 2.62
N ILE A 301 -2.98 -6.79 2.20
CA ILE A 301 -1.82 -7.08 3.08
C ILE A 301 -0.58 -7.33 2.21
N GLY A 302 0.60 -6.98 2.72
CA GLY A 302 1.87 -7.42 2.10
C GLY A 302 2.80 -7.90 3.17
N ALA A 303 3.74 -8.74 2.82
CA ALA A 303 4.78 -9.21 3.74
C ALA A 303 6.09 -9.34 2.99
N THR A 304 7.14 -8.97 3.70
CA THR A 304 8.52 -9.14 3.25
C THR A 304 9.25 -10.00 4.28
N ILE A 305 9.54 -11.22 3.89
CA ILE A 305 10.13 -12.25 4.77
C ILE A 305 11.59 -12.28 4.44
N PHE A 306 12.44 -12.10 5.44
CA PHE A 306 13.87 -11.94 5.12
C PHE A 306 14.77 -12.67 6.08
N ARG A 307 15.97 -12.96 5.56
CA ARG A 307 17.07 -13.59 6.34
C ARG A 307 17.20 -12.66 7.54
N ALA A 308 17.25 -13.24 8.74
CA ALA A 308 17.05 -12.38 9.94
C ALA A 308 18.19 -11.40 10.18
N ASP A 309 19.41 -11.73 9.80
CA ASP A 309 20.58 -10.85 10.04
C ASP A 309 20.54 -9.65 9.11
N LEU A 310 19.61 -9.59 8.17
CA LEU A 310 19.50 -8.39 7.31
C LEU A 310 18.77 -7.27 8.07
N ASP A 311 18.19 -7.56 9.24
CA ASP A 311 17.24 -6.62 9.90
C ASP A 311 17.83 -5.20 9.82
N PHE A 312 16.99 -4.12 9.75
CA PHE A 312 17.42 -2.72 10.05
C PHE A 312 18.03 -2.62 11.46
N GLY A 313 19.26 -2.08 11.58
CA GLY A 313 20.03 -1.97 12.84
C GLY A 313 19.34 -1.04 13.83
N VAL A 314 18.65 -0.02 13.33
CA VAL A 314 18.15 1.16 14.10
C VAL A 314 16.65 1.28 13.80
N SER A 315 15.87 1.84 14.74
CA SER A 315 14.43 2.18 14.60
C SER A 315 14.26 3.38 13.67
N GLY A 316 13.17 3.37 12.88
CA GLY A 316 12.68 4.51 12.09
C GLY A 316 13.22 4.54 10.65
N VAL A 317 13.94 3.49 10.19
CA VAL A 317 14.45 3.43 8.77
C VAL A 317 13.28 3.07 7.83
N HIS A 318 12.43 2.12 8.29
CA HIS A 318 11.13 1.86 7.62
C HIS A 318 10.04 1.53 8.64
N SER A 319 8.81 1.75 8.20
CA SER A 319 7.55 1.52 8.94
C SER A 319 6.39 1.84 7.98
N ASN A 320 5.18 1.92 8.52
CA ASN A 320 3.93 2.38 7.86
C ASN A 320 2.86 2.54 8.95
N THR A 321 1.64 2.95 8.60
CA THR A 321 0.50 3.10 9.55
C THR A 321 -0.26 1.76 9.62
N PHE A 322 -0.67 1.23 8.46
CA PHE A 322 -1.65 0.13 8.30
C PHE A 322 -1.01 -1.25 8.46
N GLY A 323 0.29 -1.41 8.15
CA GLY A 323 1.04 -2.69 8.32
C GLY A 323 0.81 -3.33 9.69
N GLY A 324 0.47 -4.63 9.70
CA GLY A 324 0.07 -5.38 10.91
C GLY A 324 -1.42 -5.25 11.20
N ASN A 325 -2.20 -4.66 10.26
CA ASN A 325 -3.67 -4.44 10.38
C ASN A 325 -4.29 -5.74 10.93
N THR A 326 -5.08 -5.67 11.99
CA THR A 326 -5.48 -6.91 12.71
C THR A 326 -6.50 -7.66 11.86
N VAL A 327 -7.35 -6.95 11.11
CA VAL A 327 -8.34 -7.62 10.21
C VAL A 327 -7.54 -8.43 9.17
N ALA A 328 -6.56 -7.80 8.53
CA ALA A 328 -5.74 -8.49 7.49
C ALA A 328 -4.96 -9.65 8.13
N ALA A 329 -4.45 -9.51 9.36
CA ALA A 329 -3.70 -10.57 10.05
C ALA A 329 -4.61 -11.78 10.33
N ALA A 330 -5.85 -11.57 10.77
CA ALA A 330 -6.82 -12.67 11.02
C ALA A 330 -7.16 -13.40 9.71
N ALA A 331 -7.40 -12.64 8.62
CA ALA A 331 -7.70 -13.17 7.28
C ALA A 331 -6.52 -14.04 6.83
N ALA A 332 -5.29 -13.55 6.98
CA ALA A 332 -4.06 -14.24 6.51
C ALA A 332 -3.84 -15.56 7.27
N LEU A 333 -3.99 -15.58 8.61
CA LEU A 333 -3.85 -16.83 9.39
C LEU A 333 -4.87 -17.87 8.89
N ALA A 334 -6.10 -17.45 8.61
CA ALA A 334 -7.17 -18.32 8.08
C ALA A 334 -6.81 -18.82 6.68
N VAL A 335 -6.30 -17.93 5.82
CA VAL A 335 -5.85 -18.32 4.46
C VAL A 335 -4.79 -19.42 4.57
N ILE A 336 -3.76 -19.21 5.40
CA ILE A 336 -2.64 -20.19 5.49
C ILE A 336 -3.16 -21.54 5.95
N GLU A 337 -4.08 -21.56 6.93
CA GLU A 337 -4.63 -22.85 7.43
C GLU A 337 -5.38 -23.55 6.29
N GLU A 338 -6.15 -22.80 5.50
CA GLU A 338 -6.91 -23.40 4.37
C GLU A 338 -5.92 -24.01 3.36
N LEU A 339 -4.85 -23.29 3.05
CA LEU A 339 -3.83 -23.80 2.08
C LEU A 339 -3.21 -25.11 2.57
N GLN A 340 -2.87 -25.21 3.86
CA GLN A 340 -2.06 -26.32 4.41
C GLN A 340 -2.98 -27.54 4.61
N ASN A 341 -4.29 -27.32 4.68
CA ASN A 341 -5.27 -28.40 5.02
C ASN A 341 -6.00 -28.90 3.76
N GLY A 342 -5.40 -28.79 2.57
CA GLY A 342 -5.94 -29.43 1.36
C GLY A 342 -5.84 -28.61 0.07
N LEU A 343 -5.81 -27.27 0.11
CA LEU A 343 -5.85 -26.49 -1.16
C LEU A 343 -4.56 -26.65 -1.97
N ILE A 344 -3.40 -26.67 -1.32
CA ILE A 344 -2.11 -26.84 -2.04
C ILE A 344 -2.13 -28.24 -2.66
N GLU A 345 -2.56 -29.25 -1.91
CA GLU A 345 -2.68 -30.63 -2.44
C GLU A 345 -3.65 -30.64 -3.63
N ASN A 346 -4.73 -29.88 -3.58
CA ASN A 346 -5.73 -29.81 -4.68
C ASN A 346 -5.06 -29.26 -5.96
N ALA A 347 -4.24 -28.22 -5.83
CA ALA A 347 -3.51 -27.64 -6.99
C ALA A 347 -2.57 -28.70 -7.59
N GLN A 348 -1.90 -29.51 -6.77
CA GLN A 348 -1.01 -30.60 -7.24
C GLN A 348 -1.86 -31.65 -7.98
N LYS A 349 -3.02 -32.00 -7.44
CA LYS A 349 -3.92 -33.04 -8.00
C LYS A 349 -4.43 -32.58 -9.38
N LEU A 350 -4.77 -31.28 -9.55
CA LEU A 350 -5.39 -30.75 -10.77
C LEU A 350 -4.32 -30.43 -11.80
N GLU A 351 -3.05 -30.34 -11.41
CA GLU A 351 -1.94 -30.03 -12.37
C GLU A 351 -2.03 -30.92 -13.62
N PRO A 352 -2.00 -32.27 -13.52
CA PRO A 352 -1.94 -33.11 -14.74
C PRO A 352 -3.17 -32.92 -15.63
N LEU A 353 -4.35 -32.61 -15.08
CA LEU A 353 -5.53 -32.31 -15.91
C LEU A 353 -5.24 -31.07 -16.76
N PHE A 354 -4.74 -29.98 -16.16
CA PHE A 354 -4.41 -28.74 -16.92
C PHE A 354 -3.33 -29.05 -17.96
N ARG A 355 -2.28 -29.77 -17.61
CA ARG A 355 -1.18 -30.07 -18.56
C ARG A 355 -1.75 -30.86 -19.77
N GLU A 356 -2.48 -31.94 -19.47
CA GLU A 356 -3.04 -32.82 -20.52
C GLU A 356 -3.94 -32.03 -21.45
N ARG A 357 -4.93 -31.31 -20.91
N ARG A 357 -4.93 -31.31 -20.91
CA ARG A 357 -5.95 -30.59 -21.74
CA ARG A 357 -5.92 -30.59 -21.76
C ARG A 357 -5.30 -29.47 -22.55
C ARG A 357 -5.23 -29.52 -22.59
N LEU A 358 -4.34 -28.72 -21.97
CA LEU A 358 -3.65 -27.62 -22.69
C LEU A 358 -2.71 -28.21 -23.74
N GLU A 359 -2.06 -29.34 -23.50
CA GLU A 359 -1.20 -29.95 -24.55
C GLU A 359 -2.10 -30.46 -25.69
N GLU A 360 -3.28 -31.00 -25.36
CA GLU A 360 -4.26 -31.45 -26.41
C GLU A 360 -4.69 -30.23 -27.21
N MET A 361 -4.98 -29.10 -26.55
CA MET A 361 -5.34 -27.85 -27.29
C MET A 361 -4.18 -27.38 -28.16
N LYS A 362 -2.95 -27.41 -27.66
CA LYS A 362 -1.82 -27.02 -28.51
C LYS A 362 -1.74 -27.93 -29.78
N GLU A 363 -1.92 -29.24 -29.64
CA GLU A 363 -1.86 -30.16 -30.81
C GLU A 363 -2.93 -29.76 -31.83
N LYS A 364 -4.12 -29.37 -31.38
CA LYS A 364 -5.32 -29.16 -32.22
C LYS A 364 -5.34 -27.74 -32.81
N TYR A 365 -5.05 -26.69 -32.04
CA TYR A 365 -5.29 -25.29 -32.48
C TYR A 365 -3.97 -24.62 -32.81
N GLU A 366 -3.69 -24.40 -34.10
CA GLU A 366 -2.45 -23.77 -34.60
C GLU A 366 -2.24 -22.37 -33.99
N ILE A 367 -3.30 -21.64 -33.63
CA ILE A 367 -3.21 -20.29 -33.02
C ILE A 367 -2.41 -20.37 -31.70
N ILE A 368 -2.38 -21.52 -31.02
CA ILE A 368 -1.61 -21.70 -29.76
C ILE A 368 -0.13 -21.89 -30.14
N GLY A 369 0.71 -20.95 -29.72
CA GLY A 369 2.18 -21.06 -29.87
C GLY A 369 2.80 -21.84 -28.75
N ASP A 370 2.28 -21.71 -27.53
CA ASP A 370 2.97 -22.26 -26.34
C ASP A 370 1.97 -22.43 -25.23
N VAL A 371 2.12 -23.49 -24.46
CA VAL A 371 1.40 -23.68 -23.17
C VAL A 371 2.46 -23.97 -22.10
N ARG A 372 2.25 -23.53 -20.87
CA ARG A 372 3.25 -23.68 -19.79
C ARG A 372 2.58 -23.43 -18.45
N GLY A 373 3.12 -24.05 -17.44
CA GLY A 373 2.50 -23.89 -16.11
C GLY A 373 3.00 -24.87 -15.09
N LEU A 374 2.50 -24.66 -13.88
CA LEU A 374 2.81 -25.49 -12.70
C LEU A 374 1.61 -25.41 -11.78
N GLY A 375 1.19 -26.52 -11.18
CA GLY A 375 0.03 -26.46 -10.28
C GLY A 375 -1.19 -25.90 -10.93
N LEU A 376 -1.75 -24.81 -10.41
CA LEU A 376 -2.89 -24.07 -10.99
C LEU A 376 -2.50 -22.68 -11.50
N ALA A 377 -1.28 -22.58 -12.05
CA ALA A 377 -0.76 -21.38 -12.76
C ALA A 377 -0.39 -21.79 -14.19
N TRP A 378 -1.21 -21.42 -15.16
CA TRP A 378 -1.01 -21.82 -16.57
C TRP A 378 -1.02 -20.58 -17.45
N GLY A 379 -0.13 -20.56 -18.44
CA GLY A 379 -0.15 -19.53 -19.50
C GLY A 379 -0.31 -20.18 -20.87
N VAL A 380 -1.12 -19.56 -21.71
CA VAL A 380 -1.34 -20.04 -23.10
C VAL A 380 -1.04 -18.84 -23.97
N GLU A 381 -0.04 -18.93 -24.84
CA GLU A 381 0.34 -17.75 -25.67
C GLU A 381 -0.11 -18.00 -27.11
N PHE A 382 -0.73 -16.97 -27.70
CA PHE A 382 -1.40 -17.01 -29.02
C PHE A 382 -0.48 -16.27 -29.99
N VAL A 383 -0.21 -16.91 -31.13
CA VAL A 383 0.64 -16.29 -32.17
C VAL A 383 -0.07 -16.46 -33.53
N LYS A 384 0.16 -15.49 -34.39
CA LYS A 384 -0.31 -15.41 -35.80
C LYS A 384 0.37 -16.51 -36.64
N ASP A 385 1.57 -16.89 -36.24
CA ASP A 385 2.35 -17.91 -37.01
C ASP A 385 3.33 -18.55 -36.03
N ARG A 386 3.47 -19.88 -36.03
CA ARG A 386 4.32 -20.58 -35.02
C ARG A 386 5.82 -20.39 -35.32
N LYS A 387 6.21 -20.08 -36.57
CA LYS A 387 7.64 -19.85 -36.91
C LYS A 387 8.03 -18.41 -36.58
N THR A 388 7.25 -17.39 -36.93
CA THR A 388 7.59 -15.98 -36.63
C THR A 388 7.28 -15.63 -35.17
N LYS A 389 6.32 -16.31 -34.55
CA LYS A 389 5.82 -16.06 -33.17
C LYS A 389 5.31 -14.62 -33.05
N GLU A 390 4.85 -14.02 -34.16
CA GLU A 390 4.22 -12.68 -34.14
C GLU A 390 3.05 -12.73 -33.14
N TYR A 391 2.92 -11.72 -32.30
CA TYR A 391 1.90 -11.73 -31.22
C TYR A 391 0.51 -11.70 -31.82
N ALA A 392 -0.40 -12.58 -31.41
CA ALA A 392 -1.84 -12.58 -31.80
C ALA A 392 -2.65 -11.83 -30.74
N THR A 393 -2.40 -10.53 -30.62
CA THR A 393 -2.92 -9.66 -29.53
C THR A 393 -4.41 -9.47 -29.73
N LYS A 394 -4.82 -9.15 -30.95
CA LYS A 394 -6.25 -8.96 -31.25
C LYS A 394 -7.02 -10.24 -30.92
N GLU A 395 -6.53 -11.38 -31.41
CA GLU A 395 -7.21 -12.68 -31.23
C GLU A 395 -7.25 -13.03 -29.74
N ARG A 396 -6.15 -12.77 -29.02
CA ARG A 396 -6.08 -13.05 -27.57
C ARG A 396 -7.26 -12.34 -26.88
N GLY A 397 -7.39 -11.05 -27.10
CA GLY A 397 -8.54 -10.30 -26.54
C GLY A 397 -9.89 -10.90 -26.93
N GLU A 398 -10.02 -11.41 -28.17
CA GLU A 398 -11.31 -11.95 -28.64
C GLU A 398 -11.58 -13.24 -27.90
N ILE A 399 -10.54 -13.99 -27.56
CA ILE A 399 -10.76 -15.29 -26.86
C ILE A 399 -11.31 -14.96 -25.46
N VAL A 400 -10.81 -13.89 -24.85
CA VAL A 400 -11.24 -13.50 -23.47
C VAL A 400 -12.72 -13.11 -23.53
N VAL A 401 -13.06 -12.29 -24.51
CA VAL A 401 -14.44 -11.83 -24.78
C VAL A 401 -15.36 -13.02 -25.01
N GLU A 402 -14.98 -13.99 -25.83
CA GLU A 402 -15.87 -15.14 -26.12
C GLU A 402 -16.00 -16.02 -24.90
N ALA A 403 -14.94 -16.16 -24.10
CA ALA A 403 -14.99 -16.96 -22.87
C ALA A 403 -16.06 -16.34 -21.94
N LEU A 404 -16.06 -15.02 -21.85
CA LEU A 404 -16.96 -14.25 -20.97
C LEU A 404 -18.40 -14.48 -21.41
N LYS A 405 -18.65 -14.34 -22.73
CA LYS A 405 -19.99 -14.58 -23.34
C LYS A 405 -20.48 -15.99 -22.99
N ARG A 406 -19.57 -16.93 -22.73
CA ARG A 406 -19.89 -18.36 -22.42
C ARG A 406 -19.73 -18.66 -20.93
N GLY A 407 -19.54 -17.66 -20.07
CA GLY A 407 -19.59 -17.89 -18.62
C GLY A 407 -18.25 -18.26 -17.99
N LEU A 408 -17.14 -17.83 -18.60
CA LEU A 408 -15.77 -18.04 -18.06
C LEU A 408 -15.07 -16.70 -17.97
N ALA A 409 -14.56 -16.35 -16.78
CA ALA A 409 -13.78 -15.11 -16.56
C ALA A 409 -12.28 -15.43 -16.65
N LEU A 410 -11.60 -14.82 -17.61
CA LEU A 410 -10.16 -15.00 -17.95
C LEU A 410 -9.47 -13.65 -17.91
N LEU A 411 -8.17 -13.62 -17.70
CA LEU A 411 -7.34 -12.40 -17.83
C LEU A 411 -6.23 -12.68 -18.84
N GLY A 412 -5.99 -11.71 -19.70
CA GLY A 412 -4.76 -11.65 -20.50
C GLY A 412 -3.54 -11.52 -19.62
N CYS A 413 -2.41 -11.94 -20.15
CA CYS A 413 -1.06 -11.65 -19.62
C CYS A 413 -0.11 -11.48 -20.81
N GLY A 414 0.96 -10.71 -20.61
CA GLY A 414 1.85 -10.26 -21.68
C GLY A 414 1.15 -9.72 -22.92
N LYS A 415 1.82 -9.77 -24.06
CA LYS A 415 1.24 -9.14 -25.28
C LYS A 415 0.15 -10.02 -25.90
N SER A 416 0.18 -11.35 -25.80
CA SER A 416 -0.85 -12.18 -26.47
C SER A 416 -1.10 -13.48 -25.76
N ALA A 417 -0.97 -13.49 -24.42
CA ALA A 417 -1.21 -14.72 -23.66
C ALA A 417 -2.49 -14.60 -22.82
N ILE A 418 -2.96 -15.72 -22.32
CA ILE A 418 -4.04 -15.78 -21.33
C ILE A 418 -3.53 -16.59 -20.16
N ARG A 419 -3.87 -16.16 -18.94
CA ARG A 419 -3.49 -16.90 -17.74
C ARG A 419 -4.71 -17.69 -17.31
N LEU A 420 -4.49 -18.92 -16.85
CA LEU A 420 -5.57 -19.74 -16.27
C LEU A 420 -5.20 -19.85 -14.78
N ILE A 421 -5.93 -19.17 -13.91
CA ILE A 421 -5.62 -19.18 -12.46
C ILE A 421 -6.91 -19.28 -11.66
N PRO A 422 -7.57 -20.45 -11.67
CA PRO A 422 -8.79 -20.66 -10.94
C PRO A 422 -8.51 -20.74 -9.43
N PRO A 423 -9.50 -20.40 -8.56
CA PRO A 423 -9.29 -20.55 -7.12
C PRO A 423 -8.86 -21.99 -6.83
N LEU A 424 -8.05 -22.19 -5.78
CA LEU A 424 -7.49 -23.52 -5.50
C LEU A 424 -8.55 -24.51 -4.95
N ILE A 425 -9.72 -24.04 -4.55
CA ILE A 425 -10.91 -24.86 -4.10
C ILE A 425 -11.65 -25.41 -5.32
N ILE A 426 -11.30 -25.06 -6.55
CA ILE A 426 -12.01 -25.60 -7.76
C ILE A 426 -11.99 -27.14 -7.76
N SER A 427 -13.13 -27.74 -8.10
CA SER A 427 -13.31 -29.21 -8.25
C SER A 427 -12.79 -29.62 -9.62
N GLU A 428 -12.50 -30.91 -9.77
CA GLU A 428 -12.12 -31.49 -11.07
C GLU A 428 -13.21 -31.17 -12.12
N GLU A 429 -14.50 -31.21 -11.75
CA GLU A 429 -15.63 -31.03 -12.71
C GLU A 429 -15.71 -29.56 -13.11
N GLU A 430 -15.55 -28.65 -12.16
CA GLU A 430 -15.48 -27.20 -12.44
C GLU A 430 -14.26 -26.91 -13.34
N ALA A 431 -13.12 -27.53 -13.07
CA ALA A 431 -11.90 -27.31 -13.91
C ALA A 431 -12.17 -27.79 -15.35
N LYS A 432 -12.70 -29.00 -15.52
CA LYS A 432 -13.04 -29.56 -16.85
C LYS A 432 -14.00 -28.62 -17.57
N MET A 433 -15.03 -28.15 -16.89
CA MET A 433 -16.01 -27.19 -17.45
C MET A 433 -15.31 -25.92 -17.94
N GLY A 434 -14.44 -25.34 -17.13
CA GLY A 434 -13.76 -24.13 -17.58
C GLY A 434 -12.80 -24.45 -18.72
N LEU A 435 -12.07 -25.57 -18.67
CA LEU A 435 -11.16 -25.88 -19.80
C LEU A 435 -12.00 -26.09 -21.08
N ASP A 436 -13.18 -26.73 -20.95
CA ASP A 436 -14.06 -26.93 -22.14
C ASP A 436 -14.49 -25.57 -22.68
N ILE A 437 -14.85 -24.62 -21.83
CA ILE A 437 -15.27 -23.29 -22.32
C ILE A 437 -14.09 -22.60 -23.00
N PHE A 438 -12.92 -22.64 -22.36
CA PHE A 438 -11.70 -22.02 -22.93
C PHE A 438 -11.51 -22.57 -24.36
N GLU A 439 -11.59 -23.90 -24.47
CA GLU A 439 -11.36 -24.60 -25.77
C GLU A 439 -12.38 -24.09 -26.81
N GLU A 440 -13.65 -23.95 -26.45
CA GLU A 440 -14.70 -23.45 -27.38
C GLU A 440 -14.34 -22.03 -27.81
N ALA A 441 -13.82 -21.20 -26.92
CA ALA A 441 -13.50 -19.80 -27.24
C ALA A 441 -12.33 -19.77 -28.24
N ILE A 442 -11.35 -20.63 -28.01
CA ILE A 442 -10.20 -20.73 -28.94
C ILE A 442 -10.78 -21.19 -30.30
N LYS A 443 -11.62 -22.21 -30.28
CA LYS A 443 -12.16 -22.82 -31.53
C LYS A 443 -12.91 -21.72 -32.32
N VAL A 444 -13.83 -21.02 -31.66
CA VAL A 444 -14.62 -19.91 -32.27
C VAL A 444 -13.69 -18.87 -32.88
N VAL A 445 -12.71 -18.36 -32.15
CA VAL A 445 -11.84 -17.29 -32.70
C VAL A 445 -10.94 -17.89 -33.79
N SER A 446 -10.54 -19.16 -33.70
CA SER A 446 -9.73 -19.81 -34.77
C SER A 446 -10.57 -19.82 -36.08
N GLU A 447 -11.81 -20.29 -35.99
CA GLU A 447 -12.76 -20.42 -37.16
C GLU A 447 -12.93 -19.03 -37.76
N ARG A 448 -13.12 -18.05 -36.88
CA ARG A 448 -13.42 -16.66 -37.28
C ARG A 448 -12.28 -16.08 -38.10
N HIS A 449 -11.04 -16.50 -37.86
CA HIS A 449 -9.88 -15.85 -38.49
C HIS A 449 -9.20 -16.81 -39.48
N GLY A 450 -9.67 -18.04 -39.63
CA GLY A 450 -9.10 -19.04 -40.56
C GLY A 450 -7.88 -19.77 -40.02
N TYR A 451 -7.69 -19.82 -38.69
CA TYR A 451 -6.52 -20.54 -38.13
C TYR A 451 -6.76 -22.03 -38.31
N LYS A 452 -5.69 -22.77 -38.58
CA LYS A 452 -5.80 -24.23 -38.77
C LYS A 452 -6.26 -24.85 -37.47
N ILE A 453 -7.09 -25.85 -37.63
CA ILE A 453 -7.58 -26.76 -36.57
C ILE A 453 -7.29 -28.17 -37.08
N HIS A 454 -6.42 -28.87 -36.39
CA HIS A 454 -5.86 -30.17 -36.83
C HIS A 454 -6.75 -31.32 -36.33
N LEU B 3 -16.86 1.61 31.09
CA LEU B 3 -15.37 1.71 30.93
C LEU B 3 -14.87 3.07 31.42
N LYS B 4 -13.71 3.06 32.05
CA LYS B 4 -12.97 4.24 32.57
C LYS B 4 -11.47 3.92 32.54
N PRO B 5 -10.59 4.93 32.52
CA PRO B 5 -9.15 4.67 32.65
C PRO B 5 -8.90 3.79 33.88
N ASN B 6 -8.11 2.74 33.73
CA ASN B 6 -7.88 1.73 34.79
C ASN B 6 -6.63 0.94 34.43
N VAL B 7 -5.51 1.34 35.01
CA VAL B 7 -4.16 0.78 34.75
C VAL B 7 -3.55 0.31 36.07
N LYS B 8 -3.17 -0.96 36.13
CA LYS B 8 -2.36 -1.54 37.22
C LYS B 8 -0.93 -1.59 36.71
N GLU B 9 -0.38 -2.77 36.49
CA GLU B 9 0.98 -2.92 35.94
C GLU B 9 0.87 -2.75 34.42
N ILE B 10 1.72 -1.92 33.83
CA ILE B 10 1.80 -1.74 32.36
C ILE B 10 3.26 -1.45 31.99
N PRO B 11 3.91 -2.24 31.11
CA PRO B 11 3.34 -3.47 30.54
C PRO B 11 3.29 -4.64 31.55
N GLY B 12 2.15 -5.29 31.63
CA GLY B 12 1.90 -6.50 32.43
C GLY B 12 2.44 -7.74 31.75
N PRO B 13 2.24 -8.92 32.38
CA PRO B 13 2.89 -10.14 31.94
C PRO B 13 2.51 -10.56 30.51
N LYS B 14 1.26 -10.41 30.12
CA LYS B 14 0.85 -10.83 28.77
C LYS B 14 1.46 -9.87 27.74
N ALA B 15 1.47 -8.57 28.02
CA ALA B 15 2.05 -7.51 27.19
C ALA B 15 3.54 -7.81 27.00
N ARG B 16 4.29 -8.15 28.06
CA ARG B 16 5.77 -8.33 27.94
C ARG B 16 6.03 -9.54 27.04
N LYS B 17 5.15 -10.53 27.05
CA LYS B 17 5.36 -11.73 26.20
C LYS B 17 5.22 -11.34 24.73
N VAL B 18 4.19 -10.55 24.43
CA VAL B 18 3.93 -10.10 23.03
C VAL B 18 5.08 -9.22 22.57
N ILE B 19 5.53 -8.30 23.43
CA ILE B 19 6.66 -7.39 23.06
C ILE B 19 7.90 -8.22 22.73
N GLU B 20 8.20 -9.23 23.53
CA GLU B 20 9.40 -10.08 23.28
C GLU B 20 9.26 -10.82 21.94
N GLU B 21 8.08 -11.38 21.67
CA GLU B 21 7.83 -12.12 20.42
C GLU B 21 7.89 -11.14 19.22
N HIS B 22 7.35 -9.94 19.36
CA HIS B 22 7.43 -8.86 18.32
C HIS B 22 8.91 -8.67 17.95
N HIS B 23 9.79 -8.45 18.91
CA HIS B 23 11.24 -8.21 18.67
C HIS B 23 11.87 -9.44 18.01
N LYS B 24 11.41 -10.66 18.32
CA LYS B 24 12.04 -11.88 17.79
C LYS B 24 11.66 -12.09 16.32
N TYR B 25 10.39 -11.91 15.97
CA TYR B 25 9.84 -12.32 14.65
C TYR B 25 9.71 -11.15 13.66
N MET B 26 9.64 -9.92 14.15
CA MET B 26 9.30 -8.78 13.26
C MET B 26 10.51 -7.87 13.04
N ALA B 27 10.50 -7.19 11.89
CA ALA B 27 11.54 -6.20 11.55
C ALA B 27 11.63 -5.15 12.66
N THR B 28 12.81 -4.66 12.92
CA THR B 28 13.03 -3.38 13.68
C THR B 28 12.43 -2.18 12.90
N THR B 29 11.37 -1.54 13.42
CA THR B 29 10.65 -0.41 12.74
C THR B 29 10.65 0.83 13.65
N THR B 30 9.47 1.28 14.13
CA THR B 30 9.27 2.45 15.05
C THR B 30 8.61 2.00 16.37
N ASN B 31 8.44 0.70 16.61
CA ASN B 31 7.96 0.23 17.94
C ASN B 31 8.99 0.71 18.97
N ASP B 32 8.52 1.05 20.19
CA ASP B 32 9.36 1.49 21.33
C ASP B 32 8.87 0.72 22.56
N PRO B 33 9.58 -0.34 23.02
CA PRO B 33 9.18 -1.09 24.23
C PRO B 33 9.27 -0.20 25.50
N ASN B 34 10.06 0.89 25.41
CA ASN B 34 10.37 1.81 26.53
C ASN B 34 9.31 2.91 26.62
N GLU B 35 8.92 3.49 25.48
CA GLU B 35 7.96 4.63 25.45
C GLU B 35 6.53 4.17 25.11
N TYR B 36 6.37 3.13 24.29
CA TYR B 36 5.00 2.77 23.81
C TYR B 36 4.70 1.30 24.11
N PHE B 37 4.70 0.95 25.40
CA PHE B 37 4.49 -0.45 25.79
C PHE B 37 2.98 -0.73 25.93
N LEU B 38 2.22 -0.28 24.94
CA LEU B 38 0.76 -0.54 24.86
C LEU B 38 0.55 -1.71 23.90
N VAL B 39 0.01 -2.80 24.41
CA VAL B 39 -0.25 -4.05 23.64
C VAL B 39 -1.76 -4.27 23.61
N ILE B 40 -2.35 -3.93 22.48
CA ILE B 40 -3.82 -3.79 22.38
C ILE B 40 -4.48 -5.13 22.13
N GLU B 41 -5.53 -5.48 22.89
CA GLU B 41 -6.32 -6.70 22.66
C GLU B 41 -7.66 -6.34 22.04
N ARG B 42 -8.32 -5.32 22.57
CA ARG B 42 -9.61 -4.93 21.97
C ARG B 42 -9.85 -3.44 22.19
N ALA B 43 -10.91 -2.95 21.59
CA ALA B 43 -11.26 -1.53 21.69
C ALA B 43 -12.78 -1.40 21.77
N GLU B 44 -13.22 -0.39 22.52
CA GLU B 44 -14.64 -0.14 22.87
C GLU B 44 -14.78 1.38 23.01
N GLY B 45 -15.56 2.01 22.13
CA GLY B 45 -15.78 3.46 22.13
C GLY B 45 -14.46 4.20 21.99
N VAL B 46 -14.03 4.95 23.00
CA VAL B 46 -12.75 5.72 22.96
C VAL B 46 -11.70 5.04 23.87
N TYR B 47 -11.90 3.78 24.21
CA TYR B 47 -10.94 3.04 25.08
C TYR B 47 -10.21 1.91 24.35
N TRP B 48 -8.91 1.79 24.63
CA TRP B 48 -8.17 0.51 24.45
C TRP B 48 -8.29 -0.36 25.71
N ILE B 49 -8.42 -1.67 25.49
CA ILE B 49 -8.31 -2.68 26.58
C ILE B 49 -7.06 -3.48 26.19
N ASP B 50 -6.02 -3.45 27.02
CA ASP B 50 -4.75 -4.16 26.71
C ASP B 50 -4.87 -5.66 27.05
N VAL B 51 -3.88 -6.44 26.64
CA VAL B 51 -3.89 -7.92 26.83
C VAL B 51 -3.94 -8.26 28.33
N ASP B 52 -3.52 -7.35 29.20
CA ASP B 52 -3.56 -7.62 30.67
C ASP B 52 -4.82 -7.01 31.29
N GLY B 53 -5.74 -6.47 30.48
CA GLY B 53 -7.03 -5.94 30.96
C GLY B 53 -6.94 -4.49 31.42
N ASN B 54 -5.80 -3.83 31.24
CA ASN B 54 -5.66 -2.37 31.47
C ASN B 54 -6.61 -1.66 30.51
N VAL B 55 -7.22 -0.58 30.98
CA VAL B 55 -8.18 0.20 30.16
C VAL B 55 -7.62 1.60 30.02
N LEU B 56 -7.44 2.06 28.78
CA LEU B 56 -6.77 3.34 28.53
C LEU B 56 -7.66 4.19 27.65
N LEU B 57 -7.82 5.47 28.03
CA LEU B 57 -8.55 6.44 27.17
C LEU B 57 -7.63 6.70 25.97
N ASP B 58 -8.18 6.79 24.76
CA ASP B 58 -7.30 6.96 23.57
C ASP B 58 -7.27 8.42 23.10
N PHE B 59 -6.05 8.99 23.03
CA PHE B 59 -5.82 10.35 22.50
C PHE B 59 -4.91 10.24 21.27
N SER B 60 -4.81 9.04 20.69
CA SER B 60 -3.93 8.81 19.50
C SER B 60 -4.71 8.40 18.24
N SER B 61 -5.97 7.97 18.37
CA SER B 61 -6.75 7.43 17.21
C SER B 61 -5.86 6.50 16.37
N GLY B 62 -4.95 5.76 17.00
CA GLY B 62 -4.07 4.88 16.21
C GLY B 62 -3.36 5.67 15.11
N ILE B 63 -2.70 6.77 15.49
CA ILE B 63 -1.98 7.71 14.58
C ILE B 63 -2.94 8.37 13.56
N GLY B 64 -4.09 8.86 14.04
CA GLY B 64 -5.05 9.61 13.19
C GLY B 64 -5.82 8.79 12.17
N VAL B 65 -6.07 7.52 12.47
CA VAL B 65 -6.81 6.54 11.58
C VAL B 65 -8.25 6.37 12.13
N MET B 66 -8.39 6.21 13.45
CA MET B 66 -9.71 5.83 14.05
C MET B 66 -10.52 7.09 14.37
N ASN B 67 -10.59 8.03 13.43
CA ASN B 67 -11.36 9.30 13.62
C ASN B 67 -12.82 8.96 14.00
N VAL B 68 -13.42 7.90 13.44
CA VAL B 68 -14.86 7.58 13.64
C VAL B 68 -15.07 6.72 14.90
N GLY B 69 -14.04 6.54 15.72
CA GLY B 69 -14.09 5.67 16.91
C GLY B 69 -13.20 4.45 16.68
N LEU B 70 -12.72 3.84 17.77
CA LEU B 70 -11.82 2.66 17.70
C LEU B 70 -12.54 1.46 17.08
N ARG B 71 -13.81 1.26 17.41
CA ARG B 71 -14.62 0.15 16.83
C ARG B 71 -16.03 0.68 16.53
N ASN B 72 -16.17 1.49 15.47
CA ASN B 72 -17.48 2.11 15.13
C ASN B 72 -18.46 1.04 14.64
N PRO B 73 -19.67 0.92 15.22
CA PRO B 73 -20.65 -0.10 14.79
C PRO B 73 -21.24 0.10 13.38
N LYS B 74 -21.37 1.35 12.93
CA LYS B 74 -21.89 1.67 11.56
C LYS B 74 -20.85 1.23 10.50
N VAL B 75 -19.56 1.46 10.76
CA VAL B 75 -18.44 0.97 9.91
C VAL B 75 -18.40 -0.57 9.97
N ILE B 76 -18.50 -1.20 11.16
CA ILE B 76 -18.48 -2.70 11.28
C ILE B 76 -19.69 -3.32 10.55
N GLU B 77 -20.89 -2.74 10.69
CA GLU B 77 -22.10 -3.33 10.04
C GLU B 77 -21.92 -3.27 8.50
N ALA B 78 -21.36 -2.17 7.96
CA ALA B 78 -21.15 -1.97 6.51
C ALA B 78 -20.14 -2.99 6.01
N ILE B 79 -19.07 -3.23 6.79
CA ILE B 79 -18.04 -4.25 6.42
C ILE B 79 -18.70 -5.63 6.34
N LYS B 80 -19.45 -6.01 7.38
CA LYS B 80 -20.13 -7.33 7.49
C LYS B 80 -21.09 -7.52 6.29
N LYS B 81 -21.90 -6.51 6.01
CA LYS B 81 -22.83 -6.52 4.84
C LYS B 81 -22.00 -6.78 3.56
N GLN B 82 -20.86 -6.10 3.41
CA GLN B 82 -20.01 -6.28 2.20
C GLN B 82 -19.39 -7.69 2.18
N LEU B 83 -19.04 -8.29 3.33
CA LEU B 83 -18.43 -9.65 3.37
C LEU B 83 -19.42 -10.72 2.86
N ASP B 84 -20.70 -10.42 2.98
CA ASP B 84 -21.78 -11.32 2.50
C ASP B 84 -21.92 -11.22 0.97
N LEU B 85 -21.31 -10.22 0.36
CA LEU B 85 -21.44 -10.02 -1.11
C LEU B 85 -20.16 -10.43 -1.87
N VAL B 86 -19.10 -9.64 -1.72
CA VAL B 86 -17.79 -9.89 -2.41
C VAL B 86 -16.70 -9.15 -1.62
N LEU B 87 -15.45 -9.59 -1.68
CA LEU B 87 -14.35 -8.87 -0.97
C LEU B 87 -13.45 -8.14 -1.97
N HIS B 88 -12.79 -8.89 -2.84
CA HIS B 88 -11.92 -8.32 -3.88
C HIS B 88 -12.50 -8.72 -5.23
N ALA B 89 -12.68 -7.73 -6.10
CA ALA B 89 -13.24 -7.87 -7.46
C ALA B 89 -12.23 -7.45 -8.52
N ALA B 90 -10.94 -7.26 -8.17
CA ALA B 90 -9.94 -6.80 -9.14
C ALA B 90 -10.41 -5.50 -9.83
N GLY B 91 -10.55 -4.42 -9.07
CA GLY B 91 -11.12 -3.14 -9.53
C GLY B 91 -10.39 -2.47 -10.69
N THR B 92 -9.14 -2.83 -10.93
CA THR B 92 -8.28 -2.20 -12.00
C THR B 92 -8.27 -3.05 -13.29
N ASP B 93 -8.73 -4.32 -13.28
CA ASP B 93 -8.91 -5.16 -14.51
C ASP B 93 -10.40 -5.30 -14.84
N TYR B 94 -11.22 -5.69 -13.85
CA TYR B 94 -12.72 -5.72 -13.94
C TYR B 94 -13.31 -4.45 -13.27
N TYR B 95 -14.63 -4.30 -13.30
CA TYR B 95 -15.38 -3.15 -12.75
C TYR B 95 -16.26 -3.68 -11.61
N ASN B 96 -16.61 -2.81 -10.67
CA ASN B 96 -17.65 -3.10 -9.64
C ASN B 96 -18.26 -1.78 -9.21
N PRO B 97 -19.53 -1.80 -8.74
CA PRO B 97 -20.23 -0.58 -8.36
C PRO B 97 -19.77 0.03 -7.03
N TYR B 98 -19.18 -0.78 -6.15
CA TYR B 98 -18.76 -0.39 -4.77
C TYR B 98 -17.66 0.69 -4.84
N GLN B 99 -16.60 0.45 -5.62
CA GLN B 99 -15.44 1.38 -5.72
C GLN B 99 -15.95 2.65 -6.39
N VAL B 100 -16.88 2.52 -7.33
CA VAL B 100 -17.42 3.68 -8.08
C VAL B 100 -18.26 4.54 -7.13
N GLU B 101 -19.06 3.95 -6.24
CA GLU B 101 -19.86 4.73 -5.26
C GLU B 101 -18.91 5.55 -4.38
N LEU B 102 -17.79 4.99 -3.97
CA LEU B 102 -16.83 5.72 -3.10
C LEU B 102 -16.17 6.83 -3.92
N ALA B 103 -15.78 6.56 -5.16
CA ALA B 103 -15.10 7.57 -6.00
C ALA B 103 -16.04 8.77 -6.16
N LYS B 104 -17.31 8.54 -6.45
CA LYS B 104 -18.30 9.62 -6.67
C LYS B 104 -18.40 10.48 -5.39
N LYS B 105 -18.46 9.84 -4.23
CA LYS B 105 -18.58 10.56 -2.94
C LYS B 105 -17.31 11.38 -2.70
N LEU B 106 -16.13 10.78 -2.95
CA LEU B 106 -14.87 11.51 -2.73
C LEU B 106 -14.82 12.69 -3.66
N VAL B 107 -15.28 12.51 -4.90
CA VAL B 107 -15.28 13.65 -5.83
C VAL B 107 -16.20 14.75 -5.26
N GLU B 108 -17.35 14.39 -4.71
CA GLU B 108 -18.34 15.37 -4.20
C GLU B 108 -17.78 16.13 -2.99
N ILE B 109 -17.06 15.47 -2.08
CA ILE B 109 -16.57 16.10 -0.82
C ILE B 109 -15.19 16.73 -1.00
N ALA B 110 -14.58 16.68 -2.19
CA ALA B 110 -13.25 17.26 -2.44
C ALA B 110 -13.32 18.76 -2.19
N PRO B 111 -12.22 19.43 -1.81
CA PRO B 111 -12.22 20.88 -1.64
C PRO B 111 -12.53 21.59 -2.97
N GLY B 112 -13.33 22.65 -2.87
CA GLY B 112 -13.71 23.48 -4.02
C GLY B 112 -14.75 22.82 -4.91
N ASP B 113 -15.05 23.44 -6.04
CA ASP B 113 -16.20 23.08 -6.88
C ASP B 113 -15.68 22.63 -8.26
N ILE B 114 -14.41 22.26 -8.41
CA ILE B 114 -13.85 21.83 -9.73
C ILE B 114 -14.10 20.35 -9.97
N GLU B 115 -14.16 19.94 -11.23
CA GLU B 115 -14.30 18.54 -11.65
C GLU B 115 -13.07 17.76 -11.15
N ARG B 116 -13.33 16.56 -10.64
CA ARG B 116 -12.28 15.68 -10.08
C ARG B 116 -12.43 14.27 -10.62
N LYS B 117 -11.35 13.50 -10.57
CA LYS B 117 -11.36 12.04 -10.66
C LYS B 117 -10.54 11.52 -9.48
N VAL B 118 -10.62 10.23 -9.29
CA VAL B 118 -10.02 9.55 -8.11
C VAL B 118 -9.25 8.34 -8.55
N PHE B 119 -8.08 8.15 -7.93
CA PHE B 119 -7.32 6.88 -7.99
C PHE B 119 -7.34 6.30 -6.59
N LEU B 120 -7.82 5.07 -6.45
CA LEU B 120 -7.85 4.36 -5.16
C LEU B 120 -6.60 3.46 -5.05
N SER B 121 -6.05 3.41 -3.83
CA SER B 121 -4.84 2.64 -3.50
C SER B 121 -5.02 2.03 -2.11
N ASN B 122 -3.94 1.58 -1.45
CA ASN B 122 -4.03 0.80 -0.16
C ASN B 122 -3.46 1.58 1.01
N SER B 123 -2.87 2.74 0.79
CA SER B 123 -2.15 3.43 1.86
C SER B 123 -1.89 4.89 1.50
N GLY B 124 -1.45 5.65 2.50
CA GLY B 124 -1.04 7.05 2.28
C GLY B 124 0.20 7.15 1.40
N THR B 125 1.19 6.28 1.61
CA THR B 125 2.40 6.32 0.75
C THR B 125 2.00 5.99 -0.71
N GLU B 126 1.15 5.00 -0.93
CA GLU B 126 0.63 4.69 -2.29
C GLU B 126 -0.11 5.92 -2.83
N ALA B 127 -0.92 6.61 -2.02
CA ALA B 127 -1.74 7.72 -2.53
C ALA B 127 -0.79 8.83 -2.97
N ASN B 128 0.28 9.05 -2.21
CA ASN B 128 1.30 10.09 -2.54
C ASN B 128 2.19 9.67 -3.73
N GLU B 129 2.56 8.41 -3.84
CA GLU B 129 3.26 7.92 -5.08
C GLU B 129 2.37 8.14 -6.32
N ALA B 130 1.06 7.89 -6.19
CA ALA B 130 0.12 8.15 -7.29
C ALA B 130 0.08 9.64 -7.63
N ALA B 131 0.08 10.52 -6.62
CA ALA B 131 0.15 11.98 -6.81
C ALA B 131 1.39 12.37 -7.60
N LEU B 132 2.55 11.83 -7.24
CA LEU B 132 3.79 12.06 -8.01
C LEU B 132 3.60 11.69 -9.48
N LYS B 133 3.02 10.54 -9.74
CA LYS B 133 2.86 10.02 -11.12
C LYS B 133 1.88 10.89 -11.92
N ILE B 134 0.75 11.20 -11.31
CA ILE B 134 -0.27 12.09 -11.93
C ILE B 134 0.39 13.41 -12.26
N ALA B 135 1.14 14.00 -11.33
CA ALA B 135 1.78 15.31 -11.57
C ALA B 135 2.84 15.22 -12.67
N LYS B 136 3.67 14.16 -12.70
CA LYS B 136 4.70 14.04 -13.74
C LYS B 136 4.03 13.86 -15.12
N TRP B 137 3.02 13.02 -15.20
CA TRP B 137 2.39 12.64 -16.49
C TRP B 137 1.72 13.91 -17.04
N SER B 138 0.89 14.53 -16.22
CA SER B 138 0.01 15.62 -16.68
C SER B 138 0.82 16.86 -17.02
N THR B 139 1.90 17.21 -16.28
CA THR B 139 2.68 18.43 -16.55
C THR B 139 3.82 18.19 -17.54
N ASN B 140 4.25 16.94 -17.68
CA ASN B 140 5.51 16.52 -18.33
C ASN B 140 6.70 17.25 -17.69
N ARG B 141 6.63 17.47 -16.37
CA ARG B 141 7.74 18.05 -15.58
C ARG B 141 8.10 17.02 -14.50
N LYS B 142 9.30 17.08 -14.00
CA LYS B 142 9.83 15.98 -13.16
C LYS B 142 10.28 16.44 -11.78
N MET B 143 10.33 17.72 -11.49
CA MET B 143 10.85 18.18 -10.17
C MET B 143 9.70 18.51 -9.21
N PHE B 144 10.01 18.44 -7.92
CA PHE B 144 9.02 18.77 -6.87
C PHE B 144 9.69 19.61 -5.79
N ILE B 145 8.90 20.48 -5.18
CA ILE B 145 9.29 21.17 -3.93
C ILE B 145 8.51 20.52 -2.80
N ALA B 146 9.17 20.32 -1.68
CA ALA B 146 8.52 19.87 -0.44
C ALA B 146 9.13 20.71 0.70
N PHE B 147 8.59 20.54 1.90
CA PHE B 147 8.95 21.35 3.07
C PHE B 147 9.77 20.49 4.05
N ILE B 148 10.77 21.13 4.61
CA ILE B 148 11.49 20.57 5.78
C ILE B 148 10.49 20.29 6.90
N GLY B 149 10.58 19.12 7.56
CA GLY B 149 9.63 18.66 8.58
C GLY B 149 8.52 17.83 7.99
N ALA B 150 8.41 17.79 6.67
CA ALA B 150 7.31 17.07 6.00
C ALA B 150 7.43 15.55 6.15
N PHE B 151 6.27 14.88 6.22
CA PHE B 151 6.22 13.40 6.19
C PHE B 151 5.19 12.99 5.11
N HIS B 152 5.63 12.29 4.07
CA HIS B 152 4.72 11.87 2.97
C HIS B 152 4.77 10.35 2.74
N GLY B 153 5.56 9.61 3.53
CA GLY B 153 5.67 8.18 3.38
C GLY B 153 7.08 7.71 3.15
N ARG B 154 7.27 6.39 3.21
CA ARG B 154 8.61 5.75 3.24
C ARG B 154 8.96 4.95 1.99
N THR B 155 8.21 5.10 0.90
CA THR B 155 8.58 4.40 -0.37
C THR B 155 9.63 5.23 -1.12
N HIS B 156 10.18 4.69 -2.21
CA HIS B 156 11.28 5.39 -2.93
C HIS B 156 10.87 6.78 -3.44
N GLY B 157 9.61 6.97 -3.87
CA GLY B 157 9.21 8.31 -4.31
C GLY B 157 8.96 9.22 -3.12
N THR B 158 8.21 8.71 -2.15
CA THR B 158 7.79 9.55 -0.99
C THR B 158 8.93 9.78 0.01
N MET B 159 9.93 8.89 0.11
CA MET B 159 11.11 9.15 0.97
C MET B 159 11.77 10.43 0.47
N SER B 160 11.83 10.69 -0.85
CA SER B 160 12.42 11.94 -1.35
C SER B 160 11.60 13.15 -0.90
N LEU B 161 10.27 13.04 -0.80
CA LEU B 161 9.42 14.18 -0.34
C LEU B 161 9.59 14.41 1.18
N THR B 162 9.64 13.31 1.93
CA THR B 162 9.69 13.29 3.41
C THR B 162 10.99 13.99 3.84
N ALA B 163 10.91 14.76 4.91
CA ALA B 163 12.07 15.45 5.46
C ALA B 163 11.88 15.64 6.97
N SER B 164 11.44 14.61 7.69
CA SER B 164 11.25 14.85 9.15
C SER B 164 12.43 14.35 10.00
N LYS B 165 12.81 13.09 9.86
CA LYS B 165 13.98 12.56 10.63
C LYS B 165 14.97 11.91 9.65
N PRO B 166 16.28 12.19 9.73
CA PRO B 166 17.19 11.63 8.76
C PRO B 166 17.29 10.08 8.80
N VAL B 167 16.99 9.45 9.94
CA VAL B 167 17.07 7.96 10.05
C VAL B 167 16.09 7.33 9.05
N GLN B 168 15.05 8.04 8.63
CA GLN B 168 14.05 7.59 7.59
C GLN B 168 14.71 7.32 6.22
N ARG B 169 15.89 7.91 6.01
CA ARG B 169 16.60 7.89 4.73
C ARG B 169 17.88 7.09 4.85
N SER B 170 18.18 6.58 6.04
CA SER B 170 19.52 6.01 6.30
C SER B 170 19.83 4.91 5.27
N ARG B 171 20.90 5.09 4.48
CA ARG B 171 21.48 4.17 3.48
C ARG B 171 20.51 3.98 2.31
N MET B 172 19.50 4.83 2.20
CA MET B 172 18.49 4.69 1.12
C MET B 172 18.86 5.48 -0.14
N PHE B 173 19.71 6.49 -0.04
CA PHE B 173 20.14 7.25 -1.24
C PHE B 173 20.73 6.29 -2.28
N PRO B 174 20.41 6.44 -3.60
CA PRO B 174 19.45 7.40 -4.13
C PRO B 174 17.99 6.91 -4.13
N THR B 175 17.10 7.82 -3.77
CA THR B 175 15.63 7.69 -3.88
C THR B 175 15.28 8.43 -5.17
N MET B 176 14.04 8.76 -5.36
CA MET B 176 13.61 9.43 -6.62
C MET B 176 14.28 10.79 -6.67
N PRO B 177 15.10 11.10 -7.70
CA PRO B 177 15.70 12.42 -7.87
C PRO B 177 14.65 13.51 -8.13
N GLY B 178 15.03 14.75 -7.88
CA GLY B 178 14.29 15.94 -8.32
C GLY B 178 13.48 16.65 -7.25
N VAL B 179 13.63 16.30 -5.97
CA VAL B 179 12.91 17.01 -4.87
C VAL B 179 13.86 18.00 -4.21
N VAL B 180 13.43 19.23 -4.12
CA VAL B 180 14.15 20.29 -3.36
C VAL B 180 13.28 20.68 -2.17
N HIS B 181 13.90 20.93 -1.02
CA HIS B 181 13.18 21.25 0.23
C HIS B 181 13.46 22.69 0.66
N VAL B 182 12.44 23.31 1.20
CA VAL B 182 12.55 24.67 1.79
C VAL B 182 11.93 24.63 3.19
N PRO B 183 12.23 25.63 4.05
CA PRO B 183 11.63 25.66 5.38
C PRO B 183 10.11 25.77 5.32
N TYR B 184 9.40 25.05 6.18
CA TYR B 184 7.97 25.21 6.44
C TYR B 184 7.77 26.51 7.23
N PRO B 185 6.65 27.22 7.01
CA PRO B 185 6.31 28.37 7.85
C PRO B 185 5.76 27.95 9.24
N ASN B 186 6.65 27.33 9.99
CA ASN B 186 6.51 26.91 11.40
C ASN B 186 6.63 28.17 12.27
N PRO B 187 5.53 28.64 12.89
CA PRO B 187 5.51 29.91 13.60
C PRO B 187 6.27 29.86 14.94
N TYR B 188 6.58 28.66 15.42
CA TYR B 188 7.34 28.50 16.68
C TYR B 188 8.83 28.30 16.38
N ARG B 189 9.16 27.53 15.34
CA ARG B 189 10.57 27.25 14.99
C ARG B 189 10.81 27.47 13.48
N ASN B 190 11.66 28.43 13.13
CA ASN B 190 11.97 28.70 11.71
C ASN B 190 13.37 29.32 11.61
N PRO B 191 14.06 29.23 10.45
CA PRO B 191 15.41 29.76 10.33
C PRO B 191 15.57 31.27 10.60
N TRP B 192 14.49 32.02 10.52
CA TRP B 192 14.50 33.51 10.66
C TRP B 192 14.28 33.93 12.11
N GLY B 193 13.89 33.02 12.98
CA GLY B 193 13.56 33.37 14.38
C GLY B 193 12.29 34.18 14.46
N ILE B 194 11.38 34.04 13.48
CA ILE B 194 10.16 34.87 13.44
C ILE B 194 9.07 34.25 14.29
N ASP B 195 8.42 35.05 15.13
CA ASP B 195 7.20 34.62 15.83
C ASP B 195 6.08 34.69 14.81
N GLY B 196 5.69 33.54 14.25
CA GLY B 196 4.73 33.44 13.14
C GLY B 196 3.30 33.53 13.62
N TYR B 197 3.09 33.57 14.94
CA TYR B 197 1.77 33.82 15.56
C TYR B 197 1.52 35.34 15.58
N GLU B 198 2.49 36.10 16.07
CA GLU B 198 2.46 37.58 16.12
C GLU B 198 2.67 38.22 14.74
N ASN B 199 3.56 37.65 13.94
CA ASN B 199 3.97 38.23 12.63
C ASN B 199 3.83 37.17 11.53
N PRO B 200 2.61 36.71 11.23
CA PRO B 200 2.43 35.67 10.24
C PRO B 200 2.90 36.10 8.85
N ASP B 201 2.59 37.33 8.44
CA ASP B 201 2.91 37.79 7.08
C ASP B 201 4.41 37.81 6.88
N GLU B 202 5.19 38.18 7.89
CA GLU B 202 6.66 38.25 7.75
C GLU B 202 7.21 36.82 7.51
N LEU B 203 6.65 35.84 8.20
CA LEU B 203 7.09 34.41 8.04
C LEU B 203 6.66 33.92 6.65
N ILE B 204 5.38 34.10 6.30
CA ILE B 204 4.87 33.74 4.96
C ILE B 204 5.83 34.31 3.93
N ASN B 205 6.16 35.58 4.03
CA ASN B 205 6.98 36.27 3.02
C ASN B 205 8.39 35.67 2.96
N ARG B 206 8.98 35.29 4.10
CA ARG B 206 10.34 34.71 4.11
C ARG B 206 10.33 33.37 3.35
N VAL B 207 9.30 32.56 3.53
CA VAL B 207 9.23 31.22 2.90
C VAL B 207 9.01 31.42 1.39
N ILE B 208 8.09 32.31 1.01
CA ILE B 208 7.80 32.54 -0.43
C ILE B 208 9.08 33.07 -1.08
N ASP B 209 9.74 34.03 -0.45
CA ASP B 209 10.97 34.66 -0.95
C ASP B 209 12.10 33.62 -1.01
N TYR B 210 12.16 32.67 -0.07
CA TYR B 210 13.17 31.57 -0.12
C TYR B 210 12.99 30.79 -1.44
N ILE B 211 11.77 30.40 -1.73
CA ILE B 211 11.46 29.67 -2.99
C ILE B 211 11.81 30.57 -4.19
N GLU B 212 11.27 31.78 -4.25
CA GLU B 212 11.40 32.62 -5.48
C GLU B 212 12.87 33.03 -5.66
N GLU B 213 13.41 33.76 -4.67
CA GLU B 213 14.79 34.31 -4.73
C GLU B 213 15.90 33.26 -4.58
N TYR B 214 15.75 32.31 -3.65
CA TYR B 214 16.86 31.35 -3.38
C TYR B 214 16.84 30.10 -4.28
N LEU B 215 15.67 29.61 -4.67
CA LEU B 215 15.63 28.40 -5.54
C LEU B 215 15.44 28.81 -7.01
N PHE B 216 14.35 29.53 -7.27
CA PHE B 216 13.99 29.90 -8.68
C PHE B 216 15.03 30.79 -9.34
N GLU B 217 15.62 31.73 -8.60
CA GLU B 217 16.57 32.68 -9.24
C GLU B 217 17.98 32.09 -9.24
N HIS B 218 18.17 30.89 -8.69
CA HIS B 218 19.55 30.35 -8.64
C HIS B 218 19.72 28.93 -9.22
N TYR B 219 19.05 27.93 -8.67
CA TYR B 219 19.33 26.55 -9.14
C TYR B 219 18.10 25.69 -9.48
N VAL B 220 16.88 26.21 -9.33
CA VAL B 220 15.70 25.38 -9.66
C VAL B 220 14.88 26.07 -10.75
N PRO B 221 14.93 25.60 -11.99
CA PRO B 221 14.11 26.22 -13.06
C PRO B 221 12.63 26.07 -12.73
N ALA B 222 11.94 27.20 -12.49
CA ALA B 222 10.54 27.17 -12.02
C ALA B 222 9.64 26.39 -12.98
N GLU B 223 9.92 26.49 -14.29
CA GLU B 223 9.14 25.81 -15.37
C GLU B 223 9.28 24.28 -15.33
N GLU B 224 10.33 23.75 -14.68
CA GLU B 224 10.56 22.28 -14.57
C GLU B 224 9.94 21.69 -13.29
N VAL B 225 9.29 22.51 -12.45
CA VAL B 225 8.65 21.98 -11.21
C VAL B 225 7.23 21.53 -11.48
N ALA B 226 6.97 20.23 -11.34
CA ALA B 226 5.62 19.65 -11.53
C ALA B 226 4.70 20.06 -10.39
N GLY B 227 5.19 20.09 -9.14
CA GLY B 227 4.26 20.17 -8.00
C GLY B 227 4.95 20.62 -6.76
N ILE B 228 4.16 21.21 -5.86
CA ILE B 228 4.57 21.50 -4.46
C ILE B 228 3.69 20.64 -3.58
N PHE B 229 4.33 19.74 -2.83
CA PHE B 229 3.74 18.86 -1.81
C PHE B 229 3.80 19.62 -0.48
N PHE B 230 2.72 19.55 0.24
CA PHE B 230 2.58 20.14 1.58
C PHE B 230 1.57 19.33 2.36
N GLU B 231 1.84 19.30 3.69
CA GLU B 231 0.77 19.05 4.66
C GLU B 231 0.17 20.39 5.07
N PRO B 232 -1.15 20.46 5.22
CA PRO B 232 -1.81 21.69 5.66
C PRO B 232 -1.53 22.02 7.15
N ILE B 233 -1.21 20.97 7.91
CA ILE B 233 -0.59 21.02 9.28
C ILE B 233 0.45 19.88 9.28
N GLN B 234 1.70 20.16 9.61
CA GLN B 234 2.71 19.08 9.62
C GLN B 234 2.39 18.12 10.78
N GLY B 235 2.32 16.83 10.48
CA GLY B 235 1.90 15.82 11.44
C GLY B 235 3.08 15.30 12.24
N GLU B 236 3.78 14.36 11.62
CA GLU B 236 4.97 13.71 12.22
C GLU B 236 6.02 14.77 12.60
N GLY B 237 6.08 15.89 11.89
CA GLY B 237 6.99 17.00 12.20
C GLY B 237 6.57 17.86 13.38
N GLY B 238 5.52 17.47 14.13
CA GLY B 238 5.19 18.24 15.35
C GLY B 238 3.82 18.90 15.40
N TYR B 239 2.90 18.53 14.50
CA TYR B 239 1.55 19.16 14.51
C TYR B 239 1.70 20.67 14.41
N VAL B 240 2.50 21.10 13.43
CA VAL B 240 2.79 22.54 13.17
C VAL B 240 1.67 23.14 12.31
N VAL B 241 1.02 24.17 12.83
CA VAL B 241 -0.09 24.87 12.11
C VAL B 241 0.52 26.10 11.47
N PRO B 242 0.50 26.21 10.14
CA PRO B 242 1.13 27.34 9.48
C PRO B 242 0.17 28.54 9.50
N PRO B 243 0.68 29.73 9.21
CA PRO B 243 -0.15 30.95 9.13
C PRO B 243 -1.31 30.81 8.15
N LYS B 244 -2.47 31.36 8.54
CA LYS B 244 -3.76 31.21 7.84
C LYS B 244 -3.67 31.61 6.35
N ASN B 245 -2.85 32.60 6.00
CA ASN B 245 -2.74 33.11 4.61
C ASN B 245 -1.60 32.44 3.84
N PHE B 246 -0.87 31.49 4.42
CA PHE B 246 0.34 30.98 3.73
C PHE B 246 -0.05 30.33 2.38
N PHE B 247 -1.06 29.48 2.36
CA PHE B 247 -1.38 28.64 1.16
C PHE B 247 -1.92 29.53 0.03
N LYS B 248 -2.62 30.60 0.38
CA LYS B 248 -3.04 31.59 -0.66
C LYS B 248 -1.82 32.17 -1.34
N GLU B 249 -0.78 32.53 -0.60
CA GLU B 249 0.44 33.10 -1.19
C GLU B 249 1.16 32.00 -1.98
N LEU B 250 1.19 30.79 -1.45
CA LEU B 250 1.88 29.67 -2.15
C LEU B 250 1.19 29.41 -3.50
N LYS B 251 -0.14 29.50 -3.52
CA LYS B 251 -0.93 29.29 -4.73
C LYS B 251 -0.64 30.41 -5.75
N LYS B 252 -0.44 31.64 -5.33
CA LYS B 252 -0.08 32.73 -6.25
C LYS B 252 1.22 32.36 -6.94
N LEU B 253 2.23 31.96 -6.17
CA LEU B 253 3.57 31.58 -6.72
C LEU B 253 3.37 30.38 -7.65
N ALA B 254 2.58 29.38 -7.29
CA ALA B 254 2.46 28.14 -8.08
C ALA B 254 1.78 28.44 -9.44
N ASP B 255 0.71 29.21 -9.39
CA ASP B 255 -0.08 29.56 -10.60
C ASP B 255 0.81 30.36 -11.56
N LYS B 256 1.65 31.25 -11.05
CA LYS B 256 2.56 32.07 -11.88
C LYS B 256 3.46 31.15 -12.75
N HIS B 257 3.80 29.97 -12.23
CA HIS B 257 4.78 29.09 -12.90
C HIS B 257 4.16 27.80 -13.45
N GLY B 258 2.84 27.61 -13.32
CA GLY B 258 2.17 26.39 -13.83
C GLY B 258 2.45 25.16 -12.98
N ILE B 259 2.76 25.36 -11.70
CA ILE B 259 3.09 24.30 -10.71
C ILE B 259 1.80 23.86 -9.99
N LEU B 260 1.59 22.55 -9.86
CA LEU B 260 0.45 21.99 -9.16
C LEU B 260 0.67 22.12 -7.64
N LEU B 261 -0.44 22.25 -6.93
CA LEU B 261 -0.47 22.17 -5.45
C LEU B 261 -1.02 20.81 -5.06
N ILE B 262 -0.21 20.09 -4.28
CA ILE B 262 -0.55 18.73 -3.83
C ILE B 262 -0.68 18.76 -2.32
N ASP B 263 -1.90 18.58 -1.87
CA ASP B 263 -2.29 18.66 -0.43
C ASP B 263 -2.37 17.26 0.15
N ASP B 264 -1.40 16.91 1.01
CA ASP B 264 -1.38 15.62 1.74
C ASP B 264 -2.27 15.75 2.98
N GLU B 265 -3.46 15.16 2.94
CA GLU B 265 -4.45 15.12 4.05
C GLU B 265 -4.42 13.76 4.72
N VAL B 266 -3.37 12.97 4.51
CA VAL B 266 -3.38 11.58 5.05
C VAL B 266 -3.63 11.62 6.57
N GLN B 267 -3.06 12.60 7.27
CA GLN B 267 -3.21 12.68 8.75
C GLN B 267 -4.24 13.74 9.19
N MET B 268 -4.43 14.80 8.44
CA MET B 268 -5.27 15.92 8.89
C MET B 268 -6.64 15.96 8.21
N GLY B 269 -6.91 15.03 7.28
CA GLY B 269 -8.23 14.95 6.60
C GLY B 269 -9.28 14.16 7.38
N MET B 270 -10.39 13.85 6.71
CA MET B 270 -11.50 13.06 7.25
C MET B 270 -11.92 13.66 8.61
N GLY B 271 -12.02 14.97 8.66
CA GLY B 271 -12.80 15.68 9.71
C GLY B 271 -12.00 16.04 10.92
N ARG B 272 -10.73 15.61 10.98
CA ARG B 272 -9.85 15.81 12.16
C ARG B 272 -9.87 17.26 12.64
N THR B 273 -9.88 18.23 11.73
CA THR B 273 -9.66 19.65 12.09
C THR B 273 -11.02 20.37 12.17
N GLY B 274 -12.15 19.67 12.18
CA GLY B 274 -13.49 20.32 12.23
C GLY B 274 -13.95 20.78 10.87
N ARG B 275 -13.23 20.37 9.81
CA ARG B 275 -13.65 20.47 8.38
C ARG B 275 -13.34 19.13 7.73
N MET B 276 -13.96 18.78 6.62
CA MET B 276 -13.63 17.49 6.00
C MET B 276 -12.13 17.50 5.71
N TRP B 277 -11.61 18.55 5.13
CA TRP B 277 -10.18 18.67 4.74
C TRP B 277 -9.55 19.81 5.54
N ALA B 278 -8.36 19.59 6.10
CA ALA B 278 -7.70 20.67 6.87
C ALA B 278 -7.51 21.89 5.96
N ILE B 279 -7.29 21.68 4.65
CA ILE B 279 -6.93 22.84 3.78
C ILE B 279 -8.13 23.79 3.75
N GLU B 280 -9.34 23.32 4.06
CA GLU B 280 -10.57 24.17 4.02
C GLU B 280 -10.38 25.38 4.94
N HIS B 281 -9.54 25.29 5.99
CA HIS B 281 -9.23 26.41 6.93
C HIS B 281 -8.40 27.49 6.23
N PHE B 282 -7.78 27.19 5.10
CA PHE B 282 -6.77 28.07 4.48
C PHE B 282 -7.25 28.57 3.10
N ASP B 283 -8.49 28.29 2.71
CA ASP B 283 -9.18 28.96 1.58
C ASP B 283 -8.39 28.79 0.27
N ILE B 284 -7.87 27.59 -0.01
CA ILE B 284 -7.36 27.29 -1.39
C ILE B 284 -7.92 25.96 -1.87
N VAL B 285 -7.88 25.77 -3.16
CA VAL B 285 -8.35 24.53 -3.81
C VAL B 285 -7.12 23.85 -4.37
N PRO B 286 -6.62 22.80 -3.72
CA PRO B 286 -5.44 22.12 -4.28
C PRO B 286 -5.81 21.32 -5.53
N ASP B 287 -4.83 21.16 -6.41
CA ASP B 287 -4.97 20.36 -7.65
C ASP B 287 -5.12 18.89 -7.33
N ILE B 288 -4.37 18.39 -6.35
CA ILE B 288 -4.45 16.99 -5.92
C ILE B 288 -4.54 16.96 -4.39
N VAL B 289 -5.37 16.07 -3.90
CA VAL B 289 -5.54 15.79 -2.45
C VAL B 289 -5.31 14.31 -2.25
N THR B 290 -4.46 13.95 -1.29
CA THR B 290 -4.22 12.55 -0.92
C THR B 290 -4.81 12.31 0.48
N VAL B 291 -5.37 11.12 0.62
CA VAL B 291 -6.02 10.68 1.88
C VAL B 291 -5.79 9.18 2.00
N ALA B 292 -5.86 8.71 3.23
CA ALA B 292 -5.68 7.31 3.67
C ALA B 292 -5.98 7.26 5.16
N LYS B 293 -5.47 6.23 5.83
CA LYS B 293 -5.70 6.20 7.28
C LYS B 293 -7.21 6.21 7.53
N ALA B 294 -7.68 7.31 8.14
CA ALA B 294 -9.05 7.48 8.65
C ALA B 294 -10.11 7.18 7.58
N LEU B 295 -9.77 7.29 6.30
CA LEU B 295 -10.82 7.08 5.26
C LEU B 295 -11.49 5.72 5.41
N GLY B 296 -10.73 4.69 5.77
CA GLY B 296 -11.22 3.29 5.78
C GLY B 296 -11.70 2.85 7.17
N GLY B 297 -11.69 3.75 8.15
CA GLY B 297 -12.19 3.46 9.51
C GLY B 297 -11.58 2.20 10.11
N GLY B 298 -10.33 1.88 9.75
CA GLY B 298 -9.67 0.67 10.25
C GLY B 298 -9.34 -0.35 9.17
N ILE B 299 -9.86 -0.18 7.95
CA ILE B 299 -9.48 -1.04 6.78
C ILE B 299 -8.49 -0.26 5.92
N PRO B 300 -7.40 -0.88 5.44
CA PRO B 300 -6.40 -0.14 4.67
C PRO B 300 -7.05 0.40 3.40
N ILE B 301 -6.92 1.69 3.18
CA ILE B 301 -7.34 2.34 1.91
C ILE B 301 -6.54 3.61 1.67
N GLY B 302 -6.29 3.96 0.42
CA GLY B 302 -5.76 5.27 0.06
C GLY B 302 -6.55 5.85 -1.11
N ALA B 303 -6.57 7.16 -1.25
CA ALA B 303 -7.23 7.80 -2.41
C ALA B 303 -6.41 9.01 -2.83
N THR B 304 -6.32 9.24 -4.14
CA THR B 304 -5.71 10.42 -4.72
C THR B 304 -6.79 11.14 -5.54
N ILE B 305 -7.23 12.30 -5.07
CA ILE B 305 -8.34 13.07 -5.69
C ILE B 305 -7.74 14.20 -6.50
N PHE B 306 -8.02 14.25 -7.81
CA PHE B 306 -7.29 15.24 -8.64
C PHE B 306 -8.23 15.96 -9.61
N ARG B 307 -7.75 17.13 -10.07
CA ARG B 307 -8.41 17.96 -11.09
C ARG B 307 -8.60 16.98 -12.25
N ALA B 308 -9.80 16.94 -12.81
CA ALA B 308 -10.13 15.86 -13.78
C ALA B 308 -9.20 15.92 -15.02
N ASP B 309 -8.74 17.09 -15.41
CA ASP B 309 -7.90 17.25 -16.66
C ASP B 309 -6.46 16.77 -16.42
N LEU B 310 -6.10 16.36 -15.19
CA LEU B 310 -4.76 15.78 -14.94
C LEU B 310 -4.73 14.27 -15.21
N ASP B 311 -5.87 13.65 -15.50
CA ASP B 311 -5.97 12.18 -15.74
C ASP B 311 -4.81 11.69 -16.65
N PHE B 312 -4.37 10.45 -16.46
CA PHE B 312 -3.45 9.77 -17.42
C PHE B 312 -4.19 9.70 -18.78
N GLY B 313 -3.55 10.18 -19.85
CA GLY B 313 -4.18 10.26 -21.18
C GLY B 313 -4.18 8.90 -21.88
N VAL B 314 -3.47 7.89 -21.34
CA VAL B 314 -3.37 6.51 -21.91
C VAL B 314 -3.47 5.49 -20.77
N SER B 315 -4.02 4.29 -21.05
CA SER B 315 -4.11 3.16 -20.09
C SER B 315 -2.69 2.61 -19.80
N GLY B 316 -2.50 2.06 -18.59
CA GLY B 316 -1.35 1.22 -18.22
C GLY B 316 -0.24 2.02 -17.54
N VAL B 317 -0.40 3.35 -17.38
CA VAL B 317 0.64 4.20 -16.74
C VAL B 317 0.62 3.89 -15.22
N HIS B 318 -0.57 3.82 -14.64
CA HIS B 318 -0.68 3.52 -13.19
C HIS B 318 -1.88 2.60 -12.96
N SER B 319 -1.77 1.78 -11.90
CA SER B 319 -2.74 0.74 -11.50
C SER B 319 -2.27 0.18 -10.15
N ASN B 320 -2.96 -0.86 -9.67
CA ASN B 320 -2.56 -1.71 -8.51
C ASN B 320 -3.47 -2.93 -8.56
N THR B 321 -3.37 -3.84 -7.59
CA THR B 321 -4.23 -5.06 -7.50
C THR B 321 -5.45 -4.79 -6.61
N PHE B 322 -5.18 -4.36 -5.37
CA PHE B 322 -6.15 -4.25 -4.26
C PHE B 322 -6.98 -2.96 -4.34
N GLY B 323 -6.54 -1.95 -5.11
CA GLY B 323 -7.24 -0.66 -5.26
C GLY B 323 -8.68 -0.86 -5.69
N GLY B 324 -9.62 -0.15 -5.04
CA GLY B 324 -11.07 -0.34 -5.17
C GLY B 324 -11.54 -1.61 -4.45
N ASN B 325 -10.73 -2.12 -3.49
CA ASN B 325 -11.11 -3.23 -2.58
C ASN B 325 -12.54 -2.94 -2.10
N THR B 326 -13.49 -3.85 -2.28
CA THR B 326 -14.92 -3.53 -2.01
C THR B 326 -15.15 -3.38 -0.50
N VAL B 327 -14.44 -4.15 0.34
CA VAL B 327 -14.63 -4.06 1.83
C VAL B 327 -14.15 -2.69 2.35
N ALA B 328 -12.97 -2.23 1.91
CA ALA B 328 -12.49 -0.86 2.20
C ALA B 328 -13.50 0.19 1.73
N ALA B 329 -14.09 0.05 0.54
CA ALA B 329 -15.02 1.04 -0.05
C ALA B 329 -16.27 1.17 0.82
N ALA B 330 -16.86 0.04 1.20
CA ALA B 330 -18.05 -0.03 2.09
C ALA B 330 -17.71 0.68 3.41
N ALA B 331 -16.53 0.40 3.97
CA ALA B 331 -16.12 1.00 5.26
C ALA B 331 -16.04 2.52 5.10
N ALA B 332 -15.42 2.98 4.02
CA ALA B 332 -15.17 4.41 3.73
C ALA B 332 -16.49 5.19 3.56
N LEU B 333 -17.45 4.63 2.81
CA LEU B 333 -18.75 5.34 2.65
C LEU B 333 -19.39 5.52 4.04
N ALA B 334 -19.33 4.51 4.89
CA ALA B 334 -19.88 4.56 6.27
C ALA B 334 -19.14 5.64 7.08
N VAL B 335 -17.81 5.66 7.00
CA VAL B 335 -16.98 6.69 7.66
C VAL B 335 -17.49 8.05 7.22
N ILE B 336 -17.60 8.31 5.92
CA ILE B 336 -17.94 9.69 5.46
C ILE B 336 -19.34 10.07 5.98
N GLU B 337 -20.27 9.12 6.04
CA GLU B 337 -21.67 9.42 6.50
C GLU B 337 -21.62 9.82 7.99
N GLU B 338 -20.89 9.03 8.79
CA GLU B 338 -20.69 9.30 10.25
C GLU B 338 -20.08 10.70 10.37
N LEU B 339 -19.09 11.04 9.53
CA LEU B 339 -18.39 12.33 9.61
C LEU B 339 -19.35 13.47 9.33
N GLN B 340 -20.12 13.36 8.25
CA GLN B 340 -21.04 14.45 7.85
C GLN B 340 -22.24 14.55 8.78
N ASN B 341 -22.56 13.50 9.52
CA ASN B 341 -23.79 13.51 10.35
C ASN B 341 -23.52 13.57 11.85
N GLY B 342 -22.49 14.30 12.29
CA GLY B 342 -22.29 14.43 13.74
C GLY B 342 -20.84 14.46 14.22
N LEU B 343 -19.94 13.68 13.63
CA LEU B 343 -18.55 13.63 14.19
C LEU B 343 -17.77 14.92 13.87
N ILE B 344 -17.89 15.49 12.66
CA ILE B 344 -17.21 16.77 12.36
C ILE B 344 -17.79 17.87 13.26
N GLU B 345 -19.10 17.88 13.48
CA GLU B 345 -19.71 18.90 14.38
C GLU B 345 -19.13 18.72 15.79
N ASN B 346 -18.97 17.48 16.22
CA ASN B 346 -18.34 17.19 17.55
C ASN B 346 -16.92 17.78 17.60
N ALA B 347 -16.09 17.61 16.55
CA ALA B 347 -14.74 18.22 16.51
C ALA B 347 -14.85 19.72 16.69
N GLN B 348 -15.81 20.32 16.00
CA GLN B 348 -15.98 21.78 16.09
C GLN B 348 -16.32 22.20 17.55
N LYS B 349 -17.21 21.44 18.18
CA LYS B 349 -17.78 21.71 19.54
C LYS B 349 -16.68 21.62 20.60
N LEU B 350 -15.77 20.64 20.46
CA LEU B 350 -14.70 20.40 21.47
C LEU B 350 -13.48 21.26 21.19
N GLU B 351 -13.34 21.88 20.03
CA GLU B 351 -12.14 22.72 19.76
C GLU B 351 -11.88 23.73 20.87
N PRO B 352 -12.87 24.54 21.29
CA PRO B 352 -12.60 25.56 22.32
C PRO B 352 -12.13 25.00 23.68
N LEU B 353 -12.62 23.83 24.08
CA LEU B 353 -12.20 23.11 25.32
C LEU B 353 -10.70 22.81 25.25
N PHE B 354 -10.24 22.25 24.11
CA PHE B 354 -8.80 21.95 23.93
C PHE B 354 -7.99 23.24 23.99
N ARG B 355 -8.41 24.27 23.23
CA ARG B 355 -7.69 25.54 23.19
C ARG B 355 -7.61 26.10 24.61
N GLU B 356 -8.73 26.13 25.32
CA GLU B 356 -8.78 26.80 26.65
C GLU B 356 -7.86 26.03 27.63
N ARG B 357 -8.03 24.71 27.72
N ARG B 357 -8.04 24.71 27.73
CA ARG B 357 -7.25 23.85 28.65
CA ARG B 357 -7.25 23.84 28.65
C ARG B 357 -5.77 23.88 28.30
C ARG B 357 -5.77 23.89 28.29
N LEU B 358 -5.40 23.79 27.00
CA LEU B 358 -3.96 23.80 26.65
C LEU B 358 -3.35 25.19 26.88
N GLU B 359 -4.07 26.30 26.66
CA GLU B 359 -3.50 27.62 27.00
C GLU B 359 -3.33 27.79 28.54
N GLU B 360 -4.25 27.27 29.33
CA GLU B 360 -4.17 27.26 30.81
C GLU B 360 -2.90 26.49 31.22
N MET B 361 -2.69 25.33 30.60
CA MET B 361 -1.48 24.51 30.86
C MET B 361 -0.25 25.29 30.45
N LYS B 362 -0.27 26.02 29.32
CA LYS B 362 0.93 26.77 28.94
C LYS B 362 1.21 27.89 29.96
N GLU B 363 0.18 28.52 30.50
CA GLU B 363 0.42 29.62 31.50
C GLU B 363 1.05 29.03 32.78
N LYS B 364 0.67 27.82 33.18
CA LYS B 364 1.06 27.20 34.47
C LYS B 364 2.43 26.52 34.37
N TYR B 365 2.73 25.79 33.29
CA TYR B 365 3.89 24.87 33.21
C TYR B 365 4.95 25.44 32.27
N GLU B 366 6.05 25.92 32.84
CA GLU B 366 7.16 26.53 32.08
C GLU B 366 7.74 25.55 31.05
N ILE B 367 7.67 24.23 31.31
CA ILE B 367 8.24 23.20 30.38
C ILE B 367 7.50 23.29 29.02
N ILE B 368 6.27 23.78 29.01
CA ILE B 368 5.51 23.94 27.72
C ILE B 368 6.08 25.15 26.99
N GLY B 369 6.63 24.96 25.80
CA GLY B 369 7.07 26.08 24.94
C GLY B 369 5.94 26.63 24.09
N ASP B 370 5.06 25.76 23.63
CA ASP B 370 4.05 26.08 22.56
C ASP B 370 2.88 25.14 22.62
N VAL B 371 1.67 25.66 22.38
CA VAL B 371 0.47 24.83 22.15
C VAL B 371 -0.14 25.31 20.82
N ARG B 372 -0.66 24.40 20.01
CA ARG B 372 -1.18 24.78 18.67
C ARG B 372 -2.18 23.75 18.21
N GLY B 373 -3.17 24.16 17.41
CA GLY B 373 -4.14 23.18 16.93
C GLY B 373 -5.36 23.78 16.29
N LEU B 374 -6.22 22.91 15.82
CA LEU B 374 -7.49 23.19 15.11
C LEU B 374 -8.35 21.96 15.33
N GLY B 375 -9.66 22.15 15.52
CA GLY B 375 -10.58 21.04 15.74
C GLY B 375 -10.10 20.10 16.85
N LEU B 376 -9.89 18.85 16.53
CA LEU B 376 -9.32 17.82 17.45
C LEU B 376 -7.91 17.34 17.02
N ALA B 377 -7.11 18.25 16.50
CA ALA B 377 -5.67 18.12 16.19
C ALA B 377 -4.93 19.16 17.02
N TRP B 378 -4.18 18.71 18.01
CA TRP B 378 -3.42 19.59 18.94
C TRP B 378 -2.01 19.05 19.10
N GLY B 379 -1.08 19.98 19.11
CA GLY B 379 0.34 19.77 19.41
C GLY B 379 0.74 20.54 20.66
N VAL B 380 1.52 19.91 21.52
CA VAL B 380 2.13 20.60 22.69
C VAL B 380 3.61 20.34 22.63
N GLU B 381 4.42 21.37 22.51
CA GLU B 381 5.87 21.21 22.37
C GLU B 381 6.57 21.56 23.69
N PHE B 382 7.45 20.68 24.15
CA PHE B 382 8.16 20.82 25.43
C PHE B 382 9.58 21.30 25.18
N VAL B 383 10.03 22.28 25.98
CA VAL B 383 11.40 22.83 25.83
C VAL B 383 12.07 22.92 27.22
N LYS B 384 13.40 22.91 27.21
CA LYS B 384 14.26 23.01 28.42
C LYS B 384 14.30 24.46 28.88
N ASP B 385 14.00 25.40 27.99
CA ASP B 385 14.08 26.84 28.30
C ASP B 385 13.27 27.58 27.23
N ARG B 386 12.40 28.49 27.61
CA ARG B 386 11.47 29.11 26.65
C ARG B 386 12.22 30.05 25.68
N LYS B 387 13.41 30.55 26.04
CA LYS B 387 14.21 31.48 25.19
C LYS B 387 15.06 30.68 24.20
N THR B 388 15.79 29.66 24.65
CA THR B 388 16.65 28.83 23.75
C THR B 388 15.76 27.93 22.88
N LYS B 389 14.59 27.54 23.38
CA LYS B 389 13.70 26.52 22.78
C LYS B 389 14.40 25.19 22.57
N GLU B 390 15.44 24.90 23.36
CA GLU B 390 16.16 23.61 23.36
C GLU B 390 15.12 22.51 23.56
N TYR B 391 15.18 21.49 22.70
CA TYR B 391 14.21 20.39 22.77
C TYR B 391 14.32 19.65 24.09
N ALA B 392 13.19 19.42 24.74
CA ALA B 392 13.08 18.59 25.97
C ALA B 392 12.65 17.19 25.53
N THR B 393 13.49 16.50 24.78
CA THR B 393 13.13 15.17 24.25
C THR B 393 12.93 14.17 25.38
N LYS B 394 13.84 14.16 26.33
CA LYS B 394 13.70 13.15 27.40
C LYS B 394 12.41 13.40 28.18
N GLU B 395 12.17 14.65 28.53
CA GLU B 395 10.98 14.99 29.34
C GLU B 395 9.73 14.61 28.54
N ARG B 396 9.72 14.87 27.23
CA ARG B 396 8.54 14.52 26.39
C ARG B 396 8.24 13.03 26.52
N GLY B 397 9.26 12.18 26.38
CA GLY B 397 9.14 10.71 26.52
C GLY B 397 8.62 10.37 27.89
N GLU B 398 9.15 11.02 28.93
CA GLU B 398 8.70 10.73 30.32
C GLU B 398 7.23 11.11 30.46
N ILE B 399 6.76 12.17 29.82
CA ILE B 399 5.33 12.59 29.98
C ILE B 399 4.44 11.53 29.32
N VAL B 400 4.83 11.00 28.16
CA VAL B 400 4.06 9.92 27.46
C VAL B 400 3.96 8.72 28.41
N VAL B 401 5.08 8.33 29.02
CA VAL B 401 5.09 7.18 29.97
C VAL B 401 4.20 7.48 31.19
N GLU B 402 4.31 8.66 31.82
CA GLU B 402 3.48 9.01 33.02
C GLU B 402 2.01 9.02 32.62
N ALA B 403 1.66 9.45 31.40
CA ALA B 403 0.26 9.42 30.94
C ALA B 403 -0.23 7.99 30.83
N LEU B 404 0.58 7.11 30.22
CA LEU B 404 0.18 5.69 29.98
C LEU B 404 -0.06 5.00 31.34
N LYS B 405 0.82 5.24 32.31
CA LYS B 405 0.68 4.68 33.69
C LYS B 405 -0.63 5.15 34.32
N ARG B 406 -1.18 6.28 33.88
CA ARG B 406 -2.43 6.84 34.43
C ARG B 406 -3.63 6.60 33.49
N GLY B 407 -3.50 5.74 32.46
CA GLY B 407 -4.64 5.33 31.61
C GLY B 407 -4.96 6.31 30.47
N LEU B 408 -3.96 7.04 29.95
CA LEU B 408 -4.06 7.86 28.71
C LEU B 408 -3.00 7.45 27.68
N ALA B 409 -3.44 7.04 26.48
CA ALA B 409 -2.57 6.70 25.34
C ALA B 409 -2.29 7.95 24.53
N LEU B 410 -1.04 8.39 24.52
CA LEU B 410 -0.54 9.58 23.79
C LEU B 410 0.56 9.13 22.82
N LEU B 411 0.75 9.86 21.72
CA LEU B 411 1.92 9.69 20.83
C LEU B 411 2.76 10.97 20.84
N GLY B 412 4.07 10.83 20.85
CA GLY B 412 5.01 11.91 20.50
C GLY B 412 4.85 12.37 19.05
N CYS B 413 5.27 13.58 18.76
CA CYS B 413 5.47 14.08 17.38
C CYS B 413 6.65 15.05 17.43
N GLY B 414 7.33 15.22 16.28
CA GLY B 414 8.56 16.02 16.17
C GLY B 414 9.60 15.54 17.14
N LYS B 415 10.51 16.41 17.57
CA LYS B 415 11.63 16.03 18.47
C LYS B 415 11.20 16.10 19.94
N SER B 416 10.28 16.98 20.33
CA SER B 416 9.92 17.14 21.75
C SER B 416 8.47 17.57 21.91
N ALA B 417 7.58 17.14 21.01
CA ALA B 417 6.14 17.48 21.12
C ALA B 417 5.32 16.23 21.38
N ILE B 418 4.07 16.45 21.78
CA ILE B 418 3.04 15.42 21.95
C ILE B 418 1.84 15.87 21.13
N ARG B 419 1.20 14.91 20.48
CA ARG B 419 -0.05 15.18 19.72
C ARG B 419 -1.21 14.72 20.58
N LEU B 420 -2.31 15.46 20.53
CA LEU B 420 -3.57 15.07 21.18
C LEU B 420 -4.57 14.92 20.02
N ILE B 421 -4.95 13.70 19.69
CA ILE B 421 -5.86 13.42 18.54
C ILE B 421 -6.85 12.34 18.98
N PRO B 422 -7.77 12.64 19.90
CA PRO B 422 -8.74 11.67 20.32
C PRO B 422 -9.76 11.38 19.20
N PRO B 423 -10.41 10.22 19.21
CA PRO B 423 -11.45 9.96 18.23
C PRO B 423 -12.52 11.06 18.26
N LEU B 424 -13.13 11.29 17.10
CA LEU B 424 -14.07 12.41 16.93
C LEU B 424 -15.39 12.11 17.65
N ILE B 425 -15.62 10.90 18.10
CA ILE B 425 -16.80 10.51 18.92
C ILE B 425 -16.58 10.86 20.40
N ILE B 426 -15.44 11.43 20.79
CA ILE B 426 -15.15 11.63 22.24
C ILE B 426 -16.18 12.61 22.84
N SER B 427 -16.67 12.30 24.04
CA SER B 427 -17.56 13.21 24.81
C SER B 427 -16.76 14.34 25.41
N GLU B 428 -17.42 15.45 25.73
CA GLU B 428 -16.84 16.55 26.53
C GLU B 428 -16.24 15.97 27.83
N GLU B 429 -16.93 15.04 28.49
CA GLU B 429 -16.48 14.52 29.80
C GLU B 429 -15.19 13.70 29.59
N GLU B 430 -15.19 12.84 28.57
CA GLU B 430 -14.02 11.99 28.22
C GLU B 430 -12.84 12.88 27.87
N ALA B 431 -13.08 13.98 27.16
CA ALA B 431 -12.01 14.88 26.72
C ALA B 431 -11.41 15.56 27.96
N LYS B 432 -12.26 16.03 28.88
CA LYS B 432 -11.78 16.66 30.14
C LYS B 432 -10.96 15.65 30.95
N MET B 433 -11.40 14.42 31.02
CA MET B 433 -10.69 13.35 31.75
C MET B 433 -9.30 13.19 31.13
N GLY B 434 -9.22 13.19 29.80
CA GLY B 434 -7.89 13.04 29.15
C GLY B 434 -7.02 14.23 29.42
N LEU B 435 -7.51 15.45 29.26
CA LEU B 435 -6.69 16.66 29.42
C LEU B 435 -6.21 16.72 30.87
N ASP B 436 -7.04 16.28 31.81
CA ASP B 436 -6.66 16.23 33.26
C ASP B 436 -5.46 15.28 33.47
N ILE B 437 -5.50 14.10 32.87
CA ILE B 437 -4.42 13.09 32.99
C ILE B 437 -3.17 13.65 32.35
N PHE B 438 -3.32 14.22 31.15
CA PHE B 438 -2.19 14.85 30.46
C PHE B 438 -1.58 15.88 31.42
N GLU B 439 -2.39 16.73 32.02
CA GLU B 439 -1.84 17.81 32.86
C GLU B 439 -1.10 17.17 34.06
N GLU B 440 -1.67 16.15 34.67
CA GLU B 440 -1.00 15.45 35.82
C GLU B 440 0.36 14.89 35.37
N ALA B 441 0.45 14.33 34.15
CA ALA B 441 1.74 13.80 33.62
C ALA B 441 2.76 14.93 33.48
N ILE B 442 2.35 16.07 32.94
CA ILE B 442 3.22 17.25 32.80
C ILE B 442 3.72 17.70 34.19
N LYS B 443 2.82 17.75 35.16
CA LYS B 443 3.11 18.21 36.54
C LYS B 443 4.18 17.29 37.18
N VAL B 444 4.00 16.00 37.05
CA VAL B 444 4.95 14.99 37.62
C VAL B 444 6.32 15.18 37.00
N VAL B 445 6.41 15.35 35.69
CA VAL B 445 7.73 15.36 35.02
C VAL B 445 8.36 16.72 35.31
N SER B 446 7.57 17.79 35.39
CA SER B 446 8.03 19.14 35.80
C SER B 446 8.70 19.06 37.20
N GLU B 447 7.95 18.51 38.15
CA GLU B 447 8.39 18.41 39.58
C GLU B 447 9.68 17.60 39.65
N ARG B 448 9.74 16.52 38.91
CA ARG B 448 10.92 15.63 38.90
C ARG B 448 12.16 16.43 38.50
N HIS B 449 12.04 17.28 37.49
CA HIS B 449 13.23 17.93 36.89
C HIS B 449 13.40 19.38 37.35
N GLY B 450 12.51 19.90 38.20
CA GLY B 450 12.62 21.26 38.75
C GLY B 450 12.14 22.32 37.77
N TYR B 451 11.24 21.98 36.84
CA TYR B 451 10.62 23.01 35.97
C TYR B 451 9.64 23.81 36.81
N LYS B 452 9.61 25.13 36.58
CA LYS B 452 8.70 26.07 37.23
C LYS B 452 7.25 25.69 36.97
N ILE B 453 6.45 25.71 38.01
CA ILE B 453 4.98 25.62 37.96
C ILE B 453 4.44 26.92 38.56
N HIS B 454 3.69 27.70 37.77
CA HIS B 454 3.22 29.07 38.09
C HIS B 454 1.84 28.99 38.72
#